data_2MXD
#
_entry.id   2MXD
#
_entity_poly.entity_id   1
_entity_poly.type   'polypeptide(L)'
_entity_poly.pdbx_seq_one_letter_code
;GAMAIALRDDEYDEWQDIIRDWRKEMTVQQFLDLKERALSGASDPDSQRYNAWLELRAKRLS
;
_entity_poly.pdbx_strand_id   A
#
# COMPACT_ATOMS: atom_id res chain seq x y z
N GLY A 1 -18.41 6.69 15.27
CA GLY A 1 -16.93 6.76 15.20
C GLY A 1 -16.35 5.34 15.24
N ALA A 2 -15.51 5.07 16.24
CA ALA A 2 -14.90 3.75 16.37
C ALA A 2 -14.24 3.34 15.06
N MET A 3 -13.77 2.10 15.02
CA MET A 3 -13.12 1.57 13.82
C MET A 3 -12.17 2.61 13.22
N ALA A 4 -11.71 3.55 14.05
CA ALA A 4 -10.80 4.58 13.59
C ALA A 4 -9.50 3.96 13.08
N ILE A 5 -8.87 4.61 12.11
CA ILE A 5 -7.62 4.10 11.55
C ILE A 5 -6.53 4.09 12.62
N ALA A 6 -5.73 3.03 12.64
CA ALA A 6 -4.64 2.90 13.61
C ALA A 6 -3.30 2.70 12.90
N LEU A 7 -3.23 3.19 11.67
CA LEU A 7 -2.00 3.08 10.88
C LEU A 7 -0.93 4.01 11.43
N ARG A 8 0.32 3.60 11.27
CA ARG A 8 1.45 4.38 11.75
C ARG A 8 1.69 5.59 10.86
N ASP A 9 2.60 6.47 11.28
CA ASP A 9 2.91 7.66 10.51
C ASP A 9 3.42 7.29 9.12
N ASP A 10 4.34 6.33 9.07
CA ASP A 10 4.89 5.90 7.79
C ASP A 10 3.83 5.19 6.96
N GLU A 11 3.02 4.37 7.62
CA GLU A 11 1.96 3.64 6.94
C GLU A 11 0.92 4.62 6.37
N TYR A 12 0.63 5.67 7.12
CA TYR A 12 -0.33 6.67 6.67
C TYR A 12 0.13 7.27 5.35
N ASP A 13 1.41 7.60 5.29
CA ASP A 13 1.99 8.17 4.08
C ASP A 13 1.92 7.18 2.92
N GLU A 14 2.16 5.91 3.21
CA GLU A 14 2.14 4.87 2.18
C GLU A 14 0.73 4.73 1.59
N TRP A 15 -0.28 4.72 2.45
CA TRP A 15 -1.66 4.58 1.98
C TRP A 15 -2.05 5.81 1.15
N GLN A 16 -1.75 6.99 1.66
CA GLN A 16 -2.08 8.21 0.91
C GLN A 16 -1.29 8.25 -0.39
N ASP A 17 -0.06 7.78 -0.34
CA ASP A 17 0.80 7.77 -1.52
C ASP A 17 0.28 6.79 -2.58
N ILE A 18 -0.25 5.66 -2.13
CA ILE A 18 -0.76 4.68 -3.08
C ILE A 18 -1.97 5.31 -3.79
N ILE A 19 -2.77 6.04 -3.01
CA ILE A 19 -3.92 6.71 -3.57
C ILE A 19 -3.47 7.71 -4.62
N ARG A 20 -2.41 8.43 -4.31
CA ARG A 20 -1.86 9.39 -5.25
C ARG A 20 -1.50 8.68 -6.55
N ASP A 21 -0.93 7.48 -6.41
CA ASP A 21 -0.55 6.70 -7.57
C ASP A 21 -1.78 6.38 -8.43
N TRP A 22 -2.86 5.95 -7.77
CA TRP A 22 -4.10 5.62 -8.49
C TRP A 22 -4.94 6.87 -8.73
N ARG A 23 -4.49 7.99 -8.18
CA ARG A 23 -5.22 9.24 -8.29
C ARG A 23 -6.69 9.08 -7.91
N LYS A 24 -7.03 7.98 -7.23
CA LYS A 24 -8.41 7.75 -6.79
C LYS A 24 -8.43 7.26 -5.34
N GLU A 25 -9.33 7.83 -4.54
CA GLU A 25 -9.43 7.47 -3.14
C GLU A 25 -9.78 6.01 -2.94
N MET A 26 -8.97 5.32 -2.12
CA MET A 26 -9.18 3.91 -1.80
C MET A 26 -9.25 3.73 -0.29
N THR A 27 -9.79 2.61 0.18
CA THR A 27 -9.89 2.40 1.62
C THR A 27 -8.62 1.80 2.18
N VAL A 28 -8.40 2.02 3.47
CA VAL A 28 -7.25 1.48 4.16
C VAL A 28 -7.36 -0.04 4.23
N GLN A 29 -8.56 -0.52 4.52
CA GLN A 29 -8.80 -1.94 4.62
C GLN A 29 -8.29 -2.64 3.37
N GLN A 30 -8.67 -2.12 2.21
CA GLN A 30 -8.25 -2.68 0.93
C GLN A 30 -6.72 -2.73 0.86
N PHE A 31 -6.07 -1.66 1.30
CA PHE A 31 -4.61 -1.60 1.27
C PHE A 31 -4.02 -2.74 2.11
N LEU A 32 -4.56 -2.93 3.32
CA LEU A 32 -4.09 -4.02 4.19
C LEU A 32 -4.33 -5.37 3.52
N ASP A 33 -5.45 -5.52 2.86
CA ASP A 33 -5.76 -6.78 2.20
C ASP A 33 -4.77 -7.05 1.06
N LEU A 34 -4.45 -5.99 0.29
CA LEU A 34 -3.54 -6.11 -0.83
C LEU A 34 -2.13 -6.48 -0.37
N LYS A 35 -1.61 -5.76 0.63
CA LYS A 35 -0.27 -6.04 1.11
C LYS A 35 -0.25 -7.39 1.80
N GLU A 36 -1.27 -7.68 2.59
CA GLU A 36 -1.35 -8.94 3.29
C GLU A 36 -1.14 -10.09 2.30
N ARG A 37 -1.93 -10.10 1.22
CA ARG A 37 -1.80 -11.14 0.22
C ARG A 37 -0.45 -11.10 -0.48
N ALA A 38 0.00 -9.90 -0.88
CA ALA A 38 1.28 -9.77 -1.57
C ALA A 38 2.43 -10.26 -0.70
N LEU A 39 2.49 -9.75 0.53
CA LEU A 39 3.54 -10.13 1.47
C LEU A 39 3.41 -11.61 1.84
N SER A 40 2.20 -12.14 1.71
CA SER A 40 1.96 -13.55 2.04
C SER A 40 2.45 -14.46 0.91
N GLY A 41 3.06 -13.85 -0.11
CA GLY A 41 3.57 -14.62 -1.24
C GLY A 41 2.52 -14.85 -2.32
N ALA A 42 1.56 -13.93 -2.42
CA ALA A 42 0.51 -14.07 -3.42
C ALA A 42 1.07 -13.90 -4.81
N SER A 43 0.51 -14.63 -5.77
CA SER A 43 0.97 -14.54 -7.16
C SER A 43 0.05 -13.63 -7.98
N ASP A 44 -1.08 -13.25 -7.38
CA ASP A 44 -2.03 -12.38 -8.08
C ASP A 44 -1.28 -11.26 -8.79
N PRO A 45 -1.77 -10.78 -9.91
CA PRO A 45 -1.08 -9.69 -10.67
C PRO A 45 -0.95 -8.42 -9.84
N ASP A 46 -1.92 -8.20 -8.96
CA ASP A 46 -1.91 -7.01 -8.11
C ASP A 46 -0.82 -7.14 -7.04
N SER A 47 -0.48 -8.37 -6.67
CA SER A 47 0.55 -8.60 -5.66
C SER A 47 1.93 -8.31 -6.20
N GLN A 48 2.26 -8.92 -7.33
CA GLN A 48 3.58 -8.71 -7.92
C GLN A 48 3.70 -7.25 -8.32
N ARG A 49 2.61 -6.68 -8.81
CA ARG A 49 2.58 -5.28 -9.18
C ARG A 49 2.75 -4.41 -7.93
N TYR A 50 2.12 -4.83 -6.84
CA TYR A 50 2.24 -4.08 -5.58
C TYR A 50 3.69 -4.07 -5.12
N ASN A 51 4.33 -5.23 -5.17
CA ASN A 51 5.72 -5.34 -4.76
C ASN A 51 6.54 -4.41 -5.65
N ALA A 52 6.20 -4.36 -6.93
CA ALA A 52 6.88 -3.48 -7.86
C ALA A 52 6.65 -2.04 -7.46
N TRP A 53 5.42 -1.72 -7.09
CA TRP A 53 5.10 -0.36 -6.69
C TRP A 53 6.03 0.06 -5.57
N LEU A 54 6.31 -0.87 -4.66
CA LEU A 54 7.24 -0.57 -3.57
C LEU A 54 8.61 -0.31 -4.16
N GLU A 55 8.96 -1.10 -5.18
CA GLU A 55 10.25 -0.97 -5.85
C GLU A 55 10.35 0.39 -6.56
N LEU A 56 9.28 0.78 -7.25
CA LEU A 56 9.27 2.06 -7.94
C LEU A 56 9.42 3.15 -6.89
N ARG A 57 8.71 3.00 -5.80
CA ARG A 57 8.76 3.95 -4.72
C ARG A 57 10.18 4.07 -4.18
N ALA A 58 10.85 2.96 -4.06
CA ALA A 58 12.20 2.96 -3.58
C ALA A 58 13.04 3.81 -4.51
N LYS A 59 12.71 3.76 -5.79
CA LYS A 59 13.42 4.54 -6.79
C LYS A 59 13.08 6.01 -6.67
N ARG A 60 11.84 6.31 -6.30
CA ARG A 60 11.37 7.69 -6.17
C ARG A 60 11.83 8.30 -4.83
N LEU A 61 12.86 9.14 -4.89
CA LEU A 61 13.37 9.81 -3.68
C LEU A 61 12.78 11.21 -3.56
N SER A 62 12.80 11.75 -2.34
CA SER A 62 12.27 13.09 -2.10
C SER A 62 12.68 14.05 -3.22
N GLY A 1 -13.17 4.60 18.56
CA GLY A 1 -12.78 3.38 19.33
C GLY A 1 -12.27 2.32 18.37
N ALA A 2 -13.19 1.68 17.66
CA ALA A 2 -12.83 0.64 16.70
C ALA A 2 -12.01 1.23 15.55
N MET A 3 -11.07 0.45 15.03
CA MET A 3 -10.23 0.92 13.93
C MET A 3 -9.80 2.36 14.16
N ALA A 4 -9.79 2.77 15.42
CA ALA A 4 -9.39 4.13 15.79
C ALA A 4 -7.88 4.29 15.70
N ILE A 5 -7.20 3.22 15.31
CA ILE A 5 -5.75 3.25 15.21
C ILE A 5 -5.31 4.26 14.15
N ALA A 6 -6.02 4.24 13.02
CA ALA A 6 -5.72 5.15 11.93
C ALA A 6 -4.30 4.92 11.42
N LEU A 7 -3.79 3.72 11.61
CA LEU A 7 -2.44 3.39 11.14
C LEU A 7 -1.43 4.40 11.69
N ARG A 8 -0.15 4.07 11.56
CA ARG A 8 0.90 4.95 12.04
C ARG A 8 1.09 6.11 11.07
N ASP A 9 1.80 7.14 11.51
CA ASP A 9 2.05 8.30 10.66
C ASP A 9 2.83 7.89 9.42
N ASP A 10 3.80 7.00 9.60
CA ASP A 10 4.60 6.52 8.48
C ASP A 10 3.74 5.67 7.56
N GLU A 11 2.92 4.81 8.15
CA GLU A 11 2.04 3.95 7.39
C GLU A 11 0.94 4.77 6.71
N TYR A 12 0.47 5.78 7.41
CA TYR A 12 -0.58 6.65 6.87
C TYR A 12 -0.10 7.29 5.57
N ASP A 13 1.15 7.73 5.57
CA ASP A 13 1.72 8.36 4.38
C ASP A 13 1.79 7.35 3.24
N GLU A 14 2.13 6.11 3.58
CA GLU A 14 2.22 5.05 2.58
C GLU A 14 0.86 4.76 1.96
N TRP A 15 -0.16 4.68 2.80
CA TRP A 15 -1.51 4.41 2.32
C TRP A 15 -1.95 5.54 1.37
N GLN A 16 -1.79 6.77 1.80
CA GLN A 16 -2.17 7.90 0.96
C GLN A 16 -1.36 7.89 -0.33
N ASP A 17 -0.09 7.51 -0.22
CA ASP A 17 0.79 7.49 -1.38
C ASP A 17 0.33 6.44 -2.39
N ILE A 18 -0.20 5.30 -1.91
CA ILE A 18 -0.65 4.27 -2.84
C ILE A 18 -1.90 4.77 -3.55
N ILE A 19 -2.75 5.47 -2.79
CA ILE A 19 -3.98 6.01 -3.35
C ILE A 19 -3.61 6.96 -4.48
N ARG A 20 -2.60 7.78 -4.24
CA ARG A 20 -2.13 8.72 -5.25
C ARG A 20 -1.69 7.94 -6.48
N ASP A 21 -0.98 6.83 -6.25
CA ASP A 21 -0.49 6.01 -7.36
C ASP A 21 -1.63 5.48 -8.22
N TRP A 22 -2.71 5.01 -7.59
CA TRP A 22 -3.84 4.48 -8.36
C TRP A 22 -4.67 5.62 -8.96
N ARG A 23 -4.27 6.85 -8.69
CA ARG A 23 -4.97 8.02 -9.23
C ARG A 23 -6.47 7.97 -8.94
N LYS A 24 -6.83 7.58 -7.71
CA LYS A 24 -8.24 7.54 -7.32
C LYS A 24 -8.38 7.50 -5.81
N GLU A 25 -9.52 7.00 -5.31
CA GLU A 25 -9.78 6.93 -3.87
C GLU A 25 -9.97 5.49 -3.41
N MET A 26 -9.32 5.14 -2.30
CA MET A 26 -9.43 3.78 -1.74
C MET A 26 -9.60 3.84 -0.23
N THR A 27 -9.60 2.67 0.40
CA THR A 27 -9.73 2.54 1.85
C THR A 27 -8.49 1.84 2.43
N VAL A 28 -8.24 2.07 3.72
CA VAL A 28 -7.09 1.43 4.36
C VAL A 28 -7.28 -0.09 4.32
N GLN A 29 -8.50 -0.54 4.61
CA GLN A 29 -8.78 -1.98 4.64
C GLN A 29 -8.28 -2.65 3.36
N GLN A 30 -8.54 -2.02 2.21
CA GLN A 30 -8.10 -2.60 0.94
C GLN A 30 -6.58 -2.73 0.93
N PHE A 31 -5.89 -1.70 1.41
CA PHE A 31 -4.43 -1.73 1.45
C PHE A 31 -3.93 -2.86 2.35
N LEU A 32 -4.56 -3.02 3.51
CA LEU A 32 -4.17 -4.08 4.44
C LEU A 32 -4.37 -5.45 3.77
N ASP A 33 -5.46 -5.60 3.05
CA ASP A 33 -5.71 -6.86 2.37
C ASP A 33 -4.68 -7.05 1.26
N LEU A 34 -4.33 -5.96 0.58
CA LEU A 34 -3.35 -6.00 -0.50
C LEU A 34 -1.96 -6.39 -0.01
N LYS A 35 -1.51 -5.77 1.07
CA LYS A 35 -0.19 -6.08 1.59
C LYS A 35 -0.19 -7.49 2.15
N GLU A 36 -1.22 -7.83 2.91
CA GLU A 36 -1.30 -9.15 3.50
C GLU A 36 -1.15 -10.23 2.42
N ARG A 37 -1.95 -10.10 1.36
CA ARG A 37 -1.89 -11.07 0.27
C ARG A 37 -0.55 -11.04 -0.46
N ALA A 38 -0.03 -9.86 -0.75
CA ALA A 38 1.25 -9.74 -1.45
C ALA A 38 2.39 -10.27 -0.62
N LEU A 39 2.47 -9.81 0.62
CA LEU A 39 3.53 -10.25 1.50
C LEU A 39 3.36 -11.73 1.81
N SER A 40 2.13 -12.23 1.66
CA SER A 40 1.84 -13.63 1.91
C SER A 40 2.29 -14.49 0.73
N GLY A 41 2.76 -13.85 -0.33
CA GLY A 41 3.23 -14.56 -1.52
C GLY A 41 2.15 -14.68 -2.59
N ALA A 42 1.24 -13.72 -2.63
CA ALA A 42 0.17 -13.74 -3.63
C ALA A 42 0.72 -13.48 -5.02
N SER A 43 0.07 -14.09 -6.01
CA SER A 43 0.47 -13.92 -7.41
C SER A 43 -0.50 -13.00 -8.14
N ASP A 44 -1.54 -12.54 -7.45
CA ASP A 44 -2.52 -11.65 -8.08
C ASP A 44 -1.77 -10.51 -8.78
N PRO A 45 -2.34 -9.93 -9.81
CA PRO A 45 -1.68 -8.83 -10.56
C PRO A 45 -1.38 -7.64 -9.64
N ASP A 46 -2.25 -7.42 -8.68
CA ASP A 46 -2.07 -6.33 -7.74
C ASP A 46 -0.85 -6.58 -6.85
N SER A 47 -0.60 -7.85 -6.53
CA SER A 47 0.53 -8.21 -5.67
C SER A 47 1.87 -7.97 -6.36
N GLN A 48 2.00 -8.45 -7.60
CA GLN A 48 3.25 -8.27 -8.33
C GLN A 48 3.45 -6.80 -8.68
N ARG A 49 2.37 -6.15 -9.09
CA ARG A 49 2.43 -4.74 -9.41
C ARG A 49 2.80 -3.95 -8.16
N TYR A 50 2.23 -4.36 -7.03
CA TYR A 50 2.51 -3.72 -5.76
C TYR A 50 3.99 -3.87 -5.42
N ASN A 51 4.52 -5.07 -5.65
CA ASN A 51 5.94 -5.30 -5.37
C ASN A 51 6.76 -4.33 -6.21
N ALA A 52 6.35 -4.17 -7.46
CA ALA A 52 7.05 -3.25 -8.34
C ALA A 52 6.90 -1.84 -7.80
N TRP A 53 5.69 -1.50 -7.36
CA TRP A 53 5.46 -0.18 -6.83
C TRP A 53 6.47 0.11 -5.74
N LEU A 54 6.74 -0.89 -4.91
CA LEU A 54 7.74 -0.72 -3.86
C LEU A 54 9.09 -0.45 -4.51
N GLU A 55 9.38 -1.16 -5.60
CA GLU A 55 10.62 -0.96 -6.32
C GLU A 55 10.67 0.46 -6.89
N LEU A 56 9.55 0.90 -7.45
CA LEU A 56 9.48 2.23 -8.01
C LEU A 56 9.70 3.26 -6.91
N ARG A 57 9.10 3.01 -5.76
CA ARG A 57 9.26 3.90 -4.63
C ARG A 57 10.72 4.01 -4.22
N ALA A 58 11.37 2.87 -4.14
CA ALA A 58 12.77 2.82 -3.76
C ALA A 58 13.63 3.53 -4.80
N LYS A 59 13.15 3.53 -6.03
CA LYS A 59 13.89 4.17 -7.11
C LYS A 59 13.84 5.70 -7.01
N ARG A 60 12.65 6.23 -6.74
CA ARG A 60 12.48 7.68 -6.63
C ARG A 60 12.81 8.16 -5.23
N LEU A 61 13.73 7.48 -4.57
CA LEU A 61 14.12 7.85 -3.22
C LEU A 61 14.61 9.31 -3.18
N SER A 62 13.72 10.20 -2.77
CA SER A 62 14.06 11.63 -2.68
C SER A 62 14.74 11.94 -1.36
N GLY A 1 -5.41 -11.40 16.00
CA GLY A 1 -6.80 -11.94 15.91
C GLY A 1 -7.78 -10.79 15.71
N ALA A 2 -7.53 -9.69 16.40
CA ALA A 2 -8.38 -8.51 16.28
C ALA A 2 -8.34 -7.95 14.86
N MET A 3 -7.20 -8.13 14.20
CA MET A 3 -7.03 -7.63 12.83
C MET A 3 -7.59 -6.23 12.70
N ALA A 4 -7.31 -5.38 13.68
CA ALA A 4 -7.79 -4.00 13.68
C ALA A 4 -6.72 -3.05 14.18
N ILE A 5 -5.91 -2.53 13.27
CA ILE A 5 -4.83 -1.60 13.60
C ILE A 5 -5.03 -0.27 12.88
N ALA A 6 -4.65 0.82 13.54
CA ALA A 6 -4.80 2.16 12.95
C ALA A 6 -3.59 2.52 12.09
N LEU A 7 -2.89 1.51 11.60
CA LEU A 7 -1.72 1.73 10.76
C LEU A 7 -0.71 2.63 11.47
N ARG A 8 0.55 2.55 11.04
CA ARG A 8 1.62 3.36 11.61
C ARG A 8 1.71 4.68 10.87
N ASP A 9 2.40 5.65 11.47
CA ASP A 9 2.55 6.95 10.84
C ASP A 9 3.18 6.78 9.46
N ASP A 10 4.22 5.96 9.39
CA ASP A 10 4.90 5.69 8.13
C ASP A 10 3.96 4.99 7.16
N GLU A 11 3.22 4.00 7.68
CA GLU A 11 2.28 3.23 6.87
C GLU A 11 1.14 4.10 6.37
N TYR A 12 0.68 5.01 7.21
CA TYR A 12 -0.42 5.90 6.85
C TYR A 12 -0.04 6.72 5.62
N ASP A 13 1.19 7.23 5.65
CA ASP A 13 1.69 8.03 4.53
C ASP A 13 1.74 7.17 3.27
N GLU A 14 2.11 5.92 3.44
CA GLU A 14 2.19 4.99 2.32
C GLU A 14 0.81 4.75 1.74
N TRP A 15 -0.19 4.65 2.62
CA TRP A 15 -1.55 4.42 2.19
C TRP A 15 -2.02 5.60 1.33
N GLN A 16 -1.80 6.81 1.80
CA GLN A 16 -2.21 7.97 1.02
C GLN A 16 -1.44 8.02 -0.29
N ASP A 17 -0.17 7.63 -0.25
CA ASP A 17 0.66 7.65 -1.43
C ASP A 17 0.15 6.67 -2.49
N ILE A 18 -0.32 5.50 -2.04
CA ILE A 18 -0.82 4.51 -3.00
C ILE A 18 -2.10 5.03 -3.62
N ILE A 19 -2.91 5.69 -2.80
CA ILE A 19 -4.17 6.24 -3.29
C ILE A 19 -3.89 7.24 -4.38
N ARG A 20 -2.88 8.08 -4.18
CA ARG A 20 -2.51 9.04 -5.19
C ARG A 20 -2.10 8.31 -6.46
N ASP A 21 -1.37 7.20 -6.28
CA ASP A 21 -0.91 6.40 -7.41
C ASP A 21 -2.09 5.86 -8.23
N TRP A 22 -3.13 5.36 -7.56
CA TRP A 22 -4.28 4.81 -8.29
C TRP A 22 -5.12 5.95 -8.86
N ARG A 23 -4.73 7.19 -8.54
CA ARG A 23 -5.44 8.36 -9.03
C ARG A 23 -6.91 8.33 -8.64
N LYS A 24 -7.26 7.52 -7.64
CA LYS A 24 -8.65 7.43 -7.19
C LYS A 24 -8.68 7.11 -5.69
N GLU A 25 -9.63 7.72 -4.98
CA GLU A 25 -9.77 7.52 -3.54
C GLU A 25 -10.05 6.06 -3.20
N MET A 26 -9.35 5.55 -2.18
CA MET A 26 -9.53 4.17 -1.72
C MET A 26 -9.68 4.14 -0.20
N THR A 27 -9.70 2.93 0.35
CA THR A 27 -9.81 2.75 1.81
C THR A 27 -8.58 2.01 2.33
N VAL A 28 -8.33 2.12 3.62
CA VAL A 28 -7.19 1.44 4.22
C VAL A 28 -7.35 -0.06 4.07
N GLN A 29 -8.56 -0.54 4.31
CA GLN A 29 -8.84 -1.97 4.24
C GLN A 29 -8.33 -2.56 2.92
N GLN A 30 -8.66 -1.93 1.81
CA GLN A 30 -8.23 -2.43 0.51
C GLN A 30 -6.71 -2.54 0.47
N PHE A 31 -6.02 -1.48 0.91
CA PHE A 31 -4.56 -1.48 0.95
C PHE A 31 -4.06 -2.57 1.91
N LEU A 32 -4.71 -2.66 3.05
CA LEU A 32 -4.36 -3.62 4.08
C LEU A 32 -4.46 -5.05 3.53
N ASP A 33 -5.53 -5.30 2.80
CA ASP A 33 -5.73 -6.62 2.22
C ASP A 33 -4.67 -6.86 1.14
N LEU A 34 -4.31 -5.79 0.42
CA LEU A 34 -3.33 -5.89 -0.64
C LEU A 34 -1.95 -6.26 -0.10
N LYS A 35 -1.52 -5.59 0.95
CA LYS A 35 -0.21 -5.88 1.55
C LYS A 35 -0.24 -7.25 2.21
N GLU A 36 -1.36 -7.59 2.82
CA GLU A 36 -1.46 -8.89 3.46
C GLU A 36 -1.24 -9.99 2.43
N ARG A 37 -1.96 -9.90 1.31
CA ARG A 37 -1.83 -10.90 0.26
C ARG A 37 -0.42 -10.89 -0.34
N ALA A 38 0.10 -9.71 -0.65
CA ALA A 38 1.44 -9.61 -1.25
C ALA A 38 2.50 -10.17 -0.31
N LEU A 39 2.47 -9.72 0.92
CA LEU A 39 3.46 -10.18 1.88
C LEU A 39 3.26 -11.66 2.20
N SER A 40 2.04 -12.16 1.97
CA SER A 40 1.75 -13.57 2.25
C SER A 40 2.28 -14.45 1.12
N GLY A 41 2.84 -13.81 0.08
CA GLY A 41 3.39 -14.56 -1.06
C GLY A 41 2.40 -14.68 -2.21
N ALA A 42 1.51 -13.69 -2.33
CA ALA A 42 0.51 -13.71 -3.41
C ALA A 42 1.17 -13.48 -4.76
N SER A 43 0.58 -14.06 -5.80
CA SER A 43 1.11 -13.90 -7.16
C SER A 43 0.12 -13.09 -8.01
N ASP A 44 -1.00 -12.70 -7.41
CA ASP A 44 -1.99 -11.91 -8.13
C ASP A 44 -1.30 -10.72 -8.79
N PRO A 45 -1.80 -10.22 -9.90
CA PRO A 45 -1.17 -9.07 -10.60
C PRO A 45 -1.07 -7.84 -9.69
N ASP A 46 -2.03 -7.71 -8.80
CA ASP A 46 -2.04 -6.60 -7.85
C ASP A 46 -0.91 -6.78 -6.83
N SER A 47 -0.62 -8.04 -6.51
CA SER A 47 0.41 -8.35 -5.53
C SER A 47 1.80 -8.04 -6.09
N GLN A 48 2.11 -8.60 -7.26
CA GLN A 48 3.41 -8.35 -7.86
C GLN A 48 3.55 -6.87 -8.21
N ARG A 49 2.46 -6.28 -8.70
CA ARG A 49 2.48 -4.88 -9.06
C ARG A 49 2.74 -4.05 -7.81
N TYR A 50 2.15 -4.45 -6.70
CA TYR A 50 2.36 -3.73 -5.44
C TYR A 50 3.85 -3.77 -5.09
N ASN A 51 4.44 -4.96 -5.17
CA ASN A 51 5.85 -5.12 -4.88
C ASN A 51 6.66 -4.24 -5.81
N ALA A 52 6.26 -4.19 -7.08
CA ALA A 52 6.94 -3.36 -8.05
C ALA A 52 6.81 -1.90 -7.67
N TRP A 53 5.61 -1.50 -7.29
CA TRP A 53 5.40 -0.11 -6.91
C TRP A 53 6.41 0.27 -5.84
N LEU A 54 6.63 -0.62 -4.89
CA LEU A 54 7.61 -0.37 -3.85
C LEU A 54 8.99 -0.26 -4.49
N GLU A 55 9.25 -1.13 -5.46
CA GLU A 55 10.52 -1.13 -6.16
C GLU A 55 10.73 0.19 -6.92
N LEU A 56 9.70 0.61 -7.64
CA LEU A 56 9.78 1.86 -8.38
C LEU A 56 10.02 3.01 -7.41
N ARG A 57 9.32 2.95 -6.28
CA ARG A 57 9.47 3.96 -5.25
C ARG A 57 10.88 3.99 -4.70
N ALA A 58 11.43 2.81 -4.43
CA ALA A 58 12.76 2.74 -3.89
C ALA A 58 13.70 3.47 -4.83
N LYS A 59 13.40 3.35 -6.12
CA LYS A 59 14.19 4.03 -7.14
C LYS A 59 13.90 5.52 -7.14
N ARG A 60 12.62 5.89 -6.96
CA ARG A 60 12.21 7.30 -6.96
C ARG A 60 11.49 7.65 -5.65
N LEU A 61 12.00 8.67 -4.98
CA LEU A 61 11.40 9.13 -3.72
C LEU A 61 12.11 10.39 -3.23
N SER A 62 11.57 11.02 -2.20
CA SER A 62 12.16 12.23 -1.66
C SER A 62 12.10 13.35 -2.69
N GLY A 1 -15.67 8.82 20.11
CA GLY A 1 -14.29 9.39 20.10
C GLY A 1 -13.43 8.69 21.14
N ALA A 2 -12.29 8.17 20.70
CA ALA A 2 -11.37 7.48 21.60
C ALA A 2 -9.95 7.56 21.04
N MET A 3 -9.06 6.73 21.56
CA MET A 3 -7.68 6.73 21.09
C MET A 3 -7.65 6.24 19.64
N ALA A 4 -8.45 5.21 19.38
CA ALA A 4 -8.57 4.64 18.04
C ALA A 4 -7.21 4.52 17.35
N ILE A 5 -7.23 4.11 16.09
CA ILE A 5 -6.00 3.95 15.31
C ILE A 5 -6.14 4.54 13.92
N ALA A 6 -5.03 5.02 13.37
CA ALA A 6 -5.02 5.62 12.04
C ALA A 6 -3.66 5.43 11.38
N LEU A 7 -3.10 4.23 11.52
CA LEU A 7 -1.80 3.92 10.94
C LEU A 7 -0.75 4.94 11.42
N ARG A 8 0.51 4.54 11.37
CA ARG A 8 1.59 5.41 11.80
C ARG A 8 1.76 6.56 10.79
N ASP A 9 2.63 7.50 11.14
CA ASP A 9 2.87 8.65 10.25
C ASP A 9 3.43 8.16 8.92
N ASP A 10 4.40 7.24 9.01
CA ASP A 10 5.02 6.69 7.81
C ASP A 10 4.04 5.84 7.03
N GLU A 11 3.29 5.03 7.76
CA GLU A 11 2.32 4.13 7.14
C GLU A 11 1.18 4.91 6.48
N TYR A 12 0.70 5.95 7.16
CA TYR A 12 -0.38 6.77 6.64
C TYR A 12 0.04 7.41 5.31
N ASP A 13 1.27 7.92 5.28
CA ASP A 13 1.79 8.56 4.08
C ASP A 13 1.91 7.53 2.96
N GLU A 14 2.30 6.31 3.32
CA GLU A 14 2.44 5.25 2.34
C GLU A 14 1.08 4.88 1.75
N TRP A 15 0.06 4.84 2.61
CA TRP A 15 -1.28 4.53 2.16
C TRP A 15 -1.77 5.59 1.18
N GLN A 16 -1.58 6.85 1.51
CA GLN A 16 -2.01 7.93 0.62
C GLN A 16 -1.24 7.89 -0.69
N ASP A 17 0.05 7.58 -0.60
CA ASP A 17 0.90 7.52 -1.79
C ASP A 17 0.46 6.40 -2.72
N ILE A 18 0.04 5.27 -2.15
CA ILE A 18 -0.38 4.15 -2.96
C ILE A 18 -1.69 4.52 -3.66
N ILE A 19 -2.56 5.19 -2.92
CA ILE A 19 -3.83 5.63 -3.48
C ILE A 19 -3.57 6.54 -4.67
N ARG A 20 -2.62 7.45 -4.51
CA ARG A 20 -2.28 8.36 -5.59
C ARG A 20 -1.81 7.54 -6.80
N ASP A 21 -1.06 6.48 -6.51
CA ASP A 21 -0.56 5.63 -7.59
C ASP A 21 -1.72 5.05 -8.40
N TRP A 22 -2.77 4.57 -7.72
CA TRP A 22 -3.92 4.03 -8.44
C TRP A 22 -4.73 5.17 -9.04
N ARG A 23 -4.29 6.39 -8.77
CA ARG A 23 -4.96 7.59 -9.30
C ARG A 23 -6.46 7.59 -8.97
N LYS A 24 -6.84 6.98 -7.85
CA LYS A 24 -8.24 6.96 -7.43
C LYS A 24 -8.34 7.02 -5.91
N GLU A 25 -9.39 6.42 -5.34
CA GLU A 25 -9.57 6.43 -3.89
C GLU A 25 -9.99 5.04 -3.37
N MET A 26 -9.46 4.67 -2.21
CA MET A 26 -9.80 3.40 -1.59
C MET A 26 -9.59 3.50 -0.07
N THR A 27 -9.94 2.45 0.66
CA THR A 27 -9.79 2.49 2.13
C THR A 27 -8.49 1.85 2.60
N VAL A 28 -8.13 2.16 3.84
CA VAL A 28 -6.93 1.62 4.48
C VAL A 28 -7.06 0.10 4.62
N GLN A 29 -8.22 -0.35 5.02
CA GLN A 29 -8.46 -1.79 5.21
C GLN A 29 -8.12 -2.55 3.93
N GLN A 30 -8.52 -1.99 2.79
CA GLN A 30 -8.25 -2.63 1.52
C GLN A 30 -6.74 -2.71 1.28
N PHE A 31 -6.03 -1.66 1.66
CA PHE A 31 -4.57 -1.64 1.51
C PHE A 31 -3.95 -2.78 2.31
N LEU A 32 -4.43 -2.95 3.54
CA LEU A 32 -3.91 -4.02 4.40
C LEU A 32 -4.19 -5.38 3.77
N ASP A 33 -5.36 -5.52 3.15
CA ASP A 33 -5.69 -6.78 2.51
C ASP A 33 -4.73 -7.04 1.35
N LEU A 34 -4.38 -5.96 0.64
CA LEU A 34 -3.49 -6.07 -0.51
C LEU A 34 -2.08 -6.51 -0.11
N LYS A 35 -1.52 -5.87 0.91
CA LYS A 35 -0.18 -6.23 1.35
C LYS A 35 -0.19 -7.63 1.93
N GLU A 36 -1.18 -7.91 2.76
CA GLU A 36 -1.28 -9.24 3.36
C GLU A 36 -1.25 -10.30 2.25
N ARG A 37 -2.05 -10.07 1.20
CA ARG A 37 -2.10 -11.01 0.08
C ARG A 37 -0.75 -11.13 -0.62
N ALA A 38 -0.13 -9.98 -0.93
CA ALA A 38 1.16 -9.98 -1.61
C ALA A 38 2.24 -10.62 -0.75
N LEU A 39 2.27 -10.20 0.51
CA LEU A 39 3.26 -10.72 1.42
C LEU A 39 3.04 -12.22 1.61
N SER A 40 1.79 -12.64 1.41
CA SER A 40 1.45 -14.06 1.55
C SER A 40 1.87 -14.81 0.29
N GLY A 41 2.46 -14.09 -0.66
CA GLY A 41 2.93 -14.69 -1.91
C GLY A 41 1.86 -14.71 -2.99
N ALA A 42 0.95 -13.75 -2.96
CA ALA A 42 -0.10 -13.70 -3.97
C ALA A 42 0.47 -13.35 -5.33
N SER A 43 -0.11 -13.93 -6.38
CA SER A 43 0.35 -13.67 -7.74
C SER A 43 -0.55 -12.66 -8.44
N ASP A 44 -1.63 -12.28 -7.77
CA ASP A 44 -2.57 -11.31 -8.33
C ASP A 44 -1.81 -10.17 -8.99
N PRO A 45 -2.36 -9.54 -10.00
CA PRO A 45 -1.66 -8.41 -10.69
C PRO A 45 -1.35 -7.29 -9.70
N ASP A 46 -2.21 -7.16 -8.69
CA ASP A 46 -2.03 -6.14 -7.68
C ASP A 46 -0.86 -6.52 -6.77
N SER A 47 -0.60 -7.82 -6.66
CA SER A 47 0.50 -8.29 -5.81
C SER A 47 1.85 -7.96 -6.42
N GLN A 48 2.03 -8.37 -7.67
CA GLN A 48 3.28 -8.11 -8.37
C GLN A 48 3.47 -6.61 -8.57
N ARG A 49 2.40 -5.92 -8.93
CA ARG A 49 2.47 -4.48 -9.13
C ARG A 49 2.77 -3.79 -7.82
N TYR A 50 2.19 -4.30 -6.73
CA TYR A 50 2.44 -3.73 -5.40
C TYR A 50 3.93 -3.82 -5.05
N ASN A 51 4.52 -4.98 -5.30
CA ASN A 51 5.92 -5.19 -5.00
C ASN A 51 6.75 -4.20 -5.83
N ALA A 52 6.39 -4.06 -7.09
CA ALA A 52 7.10 -3.13 -7.95
C ALA A 52 6.89 -1.72 -7.43
N TRP A 53 5.67 -1.42 -7.05
CA TRP A 53 5.36 -0.10 -6.54
C TRP A 53 6.32 0.23 -5.41
N LEU A 54 6.59 -0.75 -4.56
CA LEU A 54 7.54 -0.53 -3.47
C LEU A 54 8.90 -0.22 -4.07
N GLU A 55 9.26 -0.97 -5.12
CA GLU A 55 10.54 -0.75 -5.79
C GLU A 55 10.61 0.66 -6.38
N LEU A 56 9.53 1.06 -7.05
CA LEU A 56 9.48 2.39 -7.64
C LEU A 56 9.65 3.42 -6.53
N ARG A 57 9.00 3.15 -5.40
CA ARG A 57 9.10 4.03 -4.25
C ARG A 57 10.53 4.05 -3.72
N ALA A 58 11.16 2.89 -3.68
CA ALA A 58 12.51 2.83 -3.19
C ALA A 58 13.34 3.83 -3.96
N LYS A 59 13.02 3.95 -5.24
CA LYS A 59 13.71 4.91 -6.10
C LYS A 59 13.24 6.33 -5.80
N ARG A 60 11.97 6.48 -5.47
CA ARG A 60 11.38 7.78 -5.15
C ARG A 60 12.10 8.42 -3.97
N LEU A 61 12.46 7.62 -2.99
CA LEU A 61 13.14 8.13 -1.81
C LEU A 61 14.47 8.77 -2.21
N SER A 62 14.78 9.91 -1.61
CA SER A 62 16.03 10.61 -1.92
C SER A 62 17.19 10.00 -1.13
N GLY A 1 -11.14 5.78 19.79
CA GLY A 1 -11.06 4.76 20.87
C GLY A 1 -10.45 3.48 20.32
N ALA A 2 -11.20 2.77 19.49
CA ALA A 2 -10.71 1.52 18.91
C ALA A 2 -9.66 1.80 17.85
N MET A 3 -8.63 0.95 17.80
CA MET A 3 -7.55 1.10 16.82
C MET A 3 -7.86 0.27 15.58
N ALA A 4 -8.74 0.79 14.73
CA ALA A 4 -9.13 0.08 13.52
C ALA A 4 -8.03 0.10 12.47
N ILE A 5 -7.50 1.29 12.18
CA ILE A 5 -6.46 1.42 11.17
C ILE A 5 -5.13 0.81 11.62
N ALA A 6 -4.72 1.08 12.86
CA ALA A 6 -3.48 0.53 13.39
C ALA A 6 -2.26 0.96 12.55
N LEU A 7 -2.49 1.78 11.52
CA LEU A 7 -1.38 2.25 10.69
C LEU A 7 -0.56 3.32 11.41
N ARG A 8 0.75 3.29 11.20
CA ARG A 8 1.66 4.25 11.80
C ARG A 8 1.70 5.52 10.96
N ASP A 9 2.41 6.53 11.45
CA ASP A 9 2.53 7.78 10.71
C ASP A 9 3.24 7.54 9.38
N ASP A 10 4.22 6.64 9.39
CA ASP A 10 4.96 6.30 8.19
C ASP A 10 4.07 5.50 7.25
N GLU A 11 3.32 4.57 7.83
CA GLU A 11 2.40 3.74 7.06
C GLU A 11 1.29 4.58 6.45
N TYR A 12 0.82 5.55 7.21
CA TYR A 12 -0.25 6.43 6.73
C TYR A 12 0.20 7.13 5.45
N ASP A 13 1.43 7.61 5.45
CA ASP A 13 1.97 8.30 4.28
C ASP A 13 2.00 7.35 3.09
N GLU A 14 2.33 6.09 3.35
CA GLU A 14 2.39 5.09 2.29
C GLU A 14 1.00 4.82 1.74
N TRP A 15 0.00 4.75 2.62
CA TRP A 15 -1.36 4.50 2.18
C TRP A 15 -1.83 5.66 1.30
N GLN A 16 -1.53 6.88 1.70
CA GLN A 16 -1.93 8.03 0.88
C GLN A 16 -1.18 8.00 -0.45
N ASP A 17 0.06 7.53 -0.42
CA ASP A 17 0.86 7.46 -1.62
C ASP A 17 0.25 6.48 -2.62
N ILE A 18 -0.26 5.35 -2.12
CA ILE A 18 -0.86 4.36 -3.01
C ILE A 18 -2.15 4.92 -3.60
N ILE A 19 -2.89 5.68 -2.78
CA ILE A 19 -4.13 6.27 -3.26
C ILE A 19 -3.82 7.18 -4.43
N ARG A 20 -2.77 7.96 -4.30
CA ARG A 20 -2.35 8.85 -5.37
C ARG A 20 -2.04 8.03 -6.62
N ASP A 21 -1.36 6.91 -6.41
CA ASP A 21 -0.96 6.04 -7.50
C ASP A 21 -2.16 5.41 -8.23
N TRP A 22 -3.19 4.99 -7.49
CA TRP A 22 -4.34 4.35 -8.13
C TRP A 22 -5.19 5.39 -8.86
N ARG A 23 -4.78 6.65 -8.79
CA ARG A 23 -5.51 7.73 -9.46
C ARG A 23 -6.97 7.77 -9.00
N LYS A 24 -7.27 7.07 -7.90
CA LYS A 24 -8.63 7.05 -7.36
C LYS A 24 -8.61 6.83 -5.85
N GLU A 25 -9.63 7.33 -5.17
CA GLU A 25 -9.71 7.21 -3.72
C GLU A 25 -10.16 5.80 -3.32
N MET A 26 -9.45 5.21 -2.35
CA MET A 26 -9.79 3.87 -1.86
C MET A 26 -9.69 3.86 -0.33
N THR A 27 -9.71 2.67 0.27
CA THR A 27 -9.64 2.54 1.72
C THR A 27 -8.38 1.83 2.17
N VAL A 28 -8.09 1.95 3.46
CA VAL A 28 -6.93 1.31 4.06
C VAL A 28 -7.07 -0.20 3.96
N GLN A 29 -8.27 -0.70 4.23
CA GLN A 29 -8.51 -2.12 4.19
C GLN A 29 -8.00 -2.73 2.89
N GLN A 30 -8.35 -2.12 1.77
CA GLN A 30 -7.91 -2.61 0.48
C GLN A 30 -6.38 -2.65 0.44
N PHE A 31 -5.75 -1.58 0.90
CA PHE A 31 -4.29 -1.48 0.94
C PHE A 31 -3.69 -2.55 1.86
N LEU A 32 -4.25 -2.67 3.06
CA LEU A 32 -3.79 -3.64 4.05
C LEU A 32 -3.94 -5.05 3.53
N ASP A 33 -5.09 -5.34 2.94
CA ASP A 33 -5.35 -6.66 2.39
C ASP A 33 -4.41 -6.92 1.21
N LEU A 34 -4.16 -5.88 0.42
CA LEU A 34 -3.29 -5.99 -0.74
C LEU A 34 -1.85 -6.27 -0.35
N LYS A 35 -1.33 -5.51 0.61
CA LYS A 35 0.05 -5.69 1.03
C LYS A 35 0.19 -7.01 1.79
N GLU A 36 -0.78 -7.33 2.62
CA GLU A 36 -0.74 -8.58 3.37
C GLU A 36 -0.62 -9.75 2.41
N ARG A 37 -1.49 -9.78 1.40
CA ARG A 37 -1.48 -10.84 0.42
C ARG A 37 -0.19 -10.82 -0.40
N ALA A 38 0.23 -9.63 -0.82
CA ALA A 38 1.44 -9.51 -1.62
C ALA A 38 2.67 -9.95 -0.84
N LEU A 39 2.72 -9.55 0.43
CA LEU A 39 3.84 -9.91 1.29
C LEU A 39 3.78 -11.41 1.56
N SER A 40 2.58 -11.95 1.50
CA SER A 40 2.37 -13.37 1.75
C SER A 40 2.78 -14.20 0.54
N GLY A 41 3.23 -13.53 -0.52
CA GLY A 41 3.68 -14.23 -1.73
C GLY A 41 2.56 -14.37 -2.77
N ALA A 42 1.55 -13.52 -2.66
CA ALA A 42 0.44 -13.57 -3.62
C ALA A 42 0.92 -13.18 -5.00
N SER A 43 0.36 -13.82 -6.02
CA SER A 43 0.74 -13.54 -7.40
C SER A 43 -0.35 -12.77 -8.13
N ASP A 44 -1.45 -12.46 -7.42
CA ASP A 44 -2.53 -11.70 -8.02
C ASP A 44 -1.93 -10.52 -8.79
N PRO A 45 -2.56 -10.05 -9.83
CA PRO A 45 -2.00 -8.93 -10.64
C PRO A 45 -1.74 -7.71 -9.77
N ASP A 46 -2.67 -7.41 -8.88
CA ASP A 46 -2.53 -6.28 -7.98
C ASP A 46 -1.37 -6.54 -7.01
N SER A 47 -1.22 -7.80 -6.60
CA SER A 47 -0.17 -8.17 -5.65
C SER A 47 1.23 -7.98 -6.22
N GLN A 48 1.49 -8.55 -7.39
CA GLN A 48 2.82 -8.40 -8.00
C GLN A 48 3.08 -6.94 -8.36
N ARG A 49 2.05 -6.26 -8.85
CA ARG A 49 2.19 -4.86 -9.20
C ARG A 49 2.51 -4.06 -7.94
N TYR A 50 1.84 -4.41 -6.85
CA TYR A 50 2.05 -3.74 -5.57
C TYR A 50 3.50 -3.90 -5.13
N ASN A 51 4.03 -5.11 -5.24
CA ASN A 51 5.41 -5.35 -4.86
C ASN A 51 6.32 -4.46 -5.70
N ALA A 52 6.01 -4.37 -6.98
CA ALA A 52 6.81 -3.51 -7.85
C ALA A 52 6.70 -2.08 -7.38
N TRP A 53 5.48 -1.66 -7.03
CA TRP A 53 5.31 -0.29 -6.58
C TRP A 53 6.28 -0.01 -5.44
N LEU A 54 6.43 -0.99 -4.54
CA LEU A 54 7.35 -0.81 -3.43
C LEU A 54 8.75 -0.63 -4.02
N GLU A 55 9.04 -1.39 -5.07
CA GLU A 55 10.33 -1.27 -5.73
C GLU A 55 10.48 0.15 -6.30
N LEU A 56 9.40 0.65 -6.90
CA LEU A 56 9.41 1.99 -7.50
C LEU A 56 9.64 3.08 -6.44
N ARG A 57 8.98 2.95 -5.29
CA ARG A 57 9.14 3.96 -4.25
C ARG A 57 10.52 3.82 -3.61
N ALA A 58 10.98 2.57 -3.53
CA ALA A 58 12.28 2.29 -2.94
C ALA A 58 13.38 2.98 -3.73
N LYS A 59 13.27 2.98 -5.06
CA LYS A 59 14.28 3.63 -5.89
C LYS A 59 14.07 5.15 -5.87
N ARG A 60 12.81 5.56 -5.77
CA ARG A 60 12.47 6.99 -5.73
C ARG A 60 12.55 7.50 -4.30
N LEU A 61 13.57 8.30 -4.01
CA LEU A 61 13.77 8.87 -2.68
C LEU A 61 13.28 10.31 -2.63
N SER A 62 12.59 10.66 -1.56
CA SER A 62 12.08 12.01 -1.39
C SER A 62 11.33 12.48 -2.64
N GLY A 1 2.38 10.21 19.73
CA GLY A 1 2.37 11.23 18.65
C GLY A 1 0.93 11.56 18.27
N ALA A 2 0.16 10.54 17.96
CA ALA A 2 -1.23 10.73 17.57
C ALA A 2 -1.93 9.37 17.47
N MET A 3 -2.83 9.10 18.41
CA MET A 3 -3.56 7.84 18.43
C MET A 3 -4.84 7.95 17.58
N ALA A 4 -4.65 7.98 16.26
CA ALA A 4 -5.76 8.08 15.32
C ALA A 4 -6.12 6.71 14.76
N ILE A 5 -5.14 6.03 14.15
CA ILE A 5 -5.37 4.72 13.56
C ILE A 5 -4.19 3.80 13.82
N ALA A 6 -4.44 2.50 13.77
CA ALA A 6 -3.41 1.50 13.99
C ALA A 6 -2.26 1.70 13.01
N LEU A 7 -2.51 2.52 12.00
CA LEU A 7 -1.50 2.80 10.98
C LEU A 7 -0.50 3.84 11.50
N ARG A 8 0.78 3.56 11.27
CA ARG A 8 1.83 4.48 11.70
C ARG A 8 1.86 5.71 10.81
N ASP A 9 2.61 6.72 11.23
CA ASP A 9 2.69 7.94 10.45
C ASP A 9 3.29 7.65 9.08
N ASP A 10 4.26 6.74 9.04
CA ASP A 10 4.88 6.36 7.78
C ASP A 10 3.89 5.56 6.94
N GLU A 11 3.14 4.68 7.61
CA GLU A 11 2.16 3.83 6.95
C GLU A 11 1.02 4.66 6.37
N TYR A 12 0.59 5.67 7.13
CA TYR A 12 -0.50 6.52 6.68
C TYR A 12 -0.11 7.20 5.37
N ASP A 13 1.12 7.67 5.31
CA ASP A 13 1.63 8.32 4.10
C ASP A 13 1.63 7.33 2.95
N GLU A 14 1.95 6.07 3.26
CA GLU A 14 1.98 5.03 2.22
C GLU A 14 0.57 4.77 1.70
N TRP A 15 -0.42 4.84 2.58
CA TRP A 15 -1.80 4.62 2.16
C TRP A 15 -2.27 5.75 1.25
N GLN A 16 -2.02 6.99 1.64
CA GLN A 16 -2.41 8.12 0.81
C GLN A 16 -1.62 8.10 -0.49
N ASP A 17 -0.34 7.77 -0.38
CA ASP A 17 0.53 7.72 -1.54
C ASP A 17 0.10 6.65 -2.53
N ILE A 18 -0.38 5.51 -2.02
CA ILE A 18 -0.82 4.45 -2.90
C ILE A 18 -2.03 4.92 -3.68
N ILE A 19 -2.91 5.66 -2.99
CA ILE A 19 -4.11 6.18 -3.63
C ILE A 19 -3.68 7.10 -4.77
N ARG A 20 -2.69 7.93 -4.50
CA ARG A 20 -2.18 8.85 -5.51
C ARG A 20 -1.69 8.05 -6.70
N ASP A 21 -1.00 6.95 -6.41
CA ASP A 21 -0.48 6.09 -7.47
C ASP A 21 -1.62 5.50 -8.29
N TRP A 22 -2.69 5.04 -7.64
CA TRP A 22 -3.83 4.48 -8.38
C TRP A 22 -4.67 5.60 -8.98
N ARG A 23 -4.31 6.83 -8.65
CA ARG A 23 -5.02 8.00 -9.17
C ARG A 23 -6.54 7.88 -8.95
N LYS A 24 -6.95 7.37 -7.79
CA LYS A 24 -8.37 7.23 -7.48
C LYS A 24 -8.63 7.30 -5.97
N GLU A 25 -9.41 6.35 -5.44
CA GLU A 25 -9.71 6.34 -4.01
C GLU A 25 -10.00 4.92 -3.52
N MET A 26 -9.58 4.64 -2.28
CA MET A 26 -9.79 3.33 -1.68
C MET A 26 -9.84 3.48 -0.16
N THR A 27 -9.84 2.35 0.55
CA THR A 27 -9.88 2.38 2.02
C THR A 27 -8.64 1.71 2.61
N VAL A 28 -8.36 2.01 3.87
CA VAL A 28 -7.22 1.44 4.56
C VAL A 28 -7.31 -0.08 4.60
N GLN A 29 -8.51 -0.58 4.90
CA GLN A 29 -8.70 -2.03 5.00
C GLN A 29 -8.25 -2.73 3.72
N GLN A 30 -8.62 -2.17 2.58
CA GLN A 30 -8.23 -2.76 1.30
C GLN A 30 -6.71 -2.83 1.19
N PHE A 31 -6.05 -1.75 1.60
CA PHE A 31 -4.59 -1.71 1.54
C PHE A 31 -3.96 -2.79 2.42
N LEU A 32 -4.45 -2.92 3.64
CA LEU A 32 -3.91 -3.93 4.56
C LEU A 32 -4.13 -5.34 3.99
N ASP A 33 -5.29 -5.57 3.40
CA ASP A 33 -5.57 -6.87 2.81
C ASP A 33 -4.68 -7.10 1.60
N LEU A 34 -4.45 -6.02 0.84
CA LEU A 34 -3.62 -6.08 -0.36
C LEU A 34 -2.17 -6.41 -0.03
N LYS A 35 -1.59 -5.73 0.96
CA LYS A 35 -0.22 -6.00 1.34
C LYS A 35 -0.13 -7.37 1.96
N GLU A 36 -1.10 -7.72 2.79
CA GLU A 36 -1.07 -9.03 3.42
C GLU A 36 -0.94 -10.11 2.34
N ARG A 37 -1.79 -10.01 1.31
CA ARG A 37 -1.75 -10.97 0.22
C ARG A 37 -0.43 -10.90 -0.56
N ALA A 38 0.01 -9.68 -0.85
CA ALA A 38 1.26 -9.49 -1.59
C ALA A 38 2.45 -10.03 -0.81
N LEU A 39 2.54 -9.64 0.45
CA LEU A 39 3.62 -10.07 1.31
C LEU A 39 3.51 -11.58 1.56
N SER A 40 2.30 -12.11 1.40
CA SER A 40 2.06 -13.53 1.61
C SER A 40 2.52 -14.34 0.41
N GLY A 41 2.98 -13.66 -0.63
CA GLY A 41 3.48 -14.33 -1.85
C GLY A 41 2.39 -14.46 -2.91
N ALA A 42 1.40 -13.57 -2.87
CA ALA A 42 0.33 -13.60 -3.86
C ALA A 42 0.87 -13.31 -5.24
N SER A 43 0.22 -13.86 -6.26
CA SER A 43 0.64 -13.62 -7.65
C SER A 43 -0.36 -12.74 -8.38
N ASP A 44 -1.44 -12.36 -7.70
CA ASP A 44 -2.44 -11.49 -8.31
C ASP A 44 -1.74 -10.29 -8.95
N PRO A 45 -2.28 -9.73 -10.00
CA PRO A 45 -1.62 -8.56 -10.68
C PRO A 45 -1.41 -7.40 -9.71
N ASP A 46 -2.36 -7.20 -8.81
CA ASP A 46 -2.25 -6.13 -7.84
C ASP A 46 -1.12 -6.44 -6.84
N SER A 47 -0.90 -7.72 -6.59
CA SER A 47 0.12 -8.14 -5.64
C SER A 47 1.53 -7.84 -6.16
N GLN A 48 1.83 -8.33 -7.37
CA GLN A 48 3.14 -8.10 -7.96
C GLN A 48 3.31 -6.63 -8.29
N ARG A 49 2.22 -6.00 -8.75
CA ARG A 49 2.28 -4.58 -9.08
C ARG A 49 2.59 -3.77 -7.84
N TYR A 50 1.98 -4.16 -6.71
CA TYR A 50 2.23 -3.49 -5.45
C TYR A 50 3.71 -3.63 -5.07
N ASN A 51 4.22 -4.86 -5.19
CA ASN A 51 5.62 -5.11 -4.87
C ASN A 51 6.50 -4.24 -5.76
N ALA A 52 6.11 -4.13 -7.03
CA ALA A 52 6.87 -3.30 -7.96
C ALA A 52 6.80 -1.85 -7.52
N TRP A 53 5.61 -1.42 -7.12
CA TRP A 53 5.45 -0.04 -6.70
C TRP A 53 6.45 0.26 -5.58
N LEU A 54 6.62 -0.70 -4.68
CA LEU A 54 7.57 -0.53 -3.60
C LEU A 54 8.97 -0.43 -4.21
N GLU A 55 9.21 -1.26 -5.25
CA GLU A 55 10.51 -1.26 -5.92
C GLU A 55 10.79 0.11 -6.53
N LEU A 56 9.79 0.69 -7.20
CA LEU A 56 9.96 2.00 -7.81
C LEU A 56 10.21 3.03 -6.72
N ARG A 57 9.51 2.91 -5.61
CA ARG A 57 9.68 3.83 -4.52
C ARG A 57 11.11 3.77 -4.00
N ALA A 58 11.59 2.56 -3.81
CA ALA A 58 12.93 2.35 -3.32
C ALA A 58 13.94 2.89 -4.33
N LYS A 59 13.56 2.85 -5.61
CA LYS A 59 14.44 3.33 -6.67
C LYS A 59 14.61 4.84 -6.54
N ARG A 60 13.53 5.56 -6.27
CA ARG A 60 13.57 7.00 -6.13
C ARG A 60 13.83 7.39 -4.67
N LEU A 61 14.93 8.09 -4.43
CA LEU A 61 15.30 8.51 -3.07
C LEU A 61 14.93 9.98 -2.87
N SER A 62 14.30 10.57 -3.88
CA SER A 62 13.92 11.98 -3.80
C SER A 62 15.12 12.85 -3.50
N GLY A 1 -17.29 4.23 16.72
CA GLY A 1 -15.90 4.57 17.13
C GLY A 1 -14.92 4.04 16.10
N ALA A 2 -15.02 2.75 15.79
CA ALA A 2 -14.12 2.15 14.81
C ALA A 2 -12.67 2.47 15.13
N MET A 3 -12.31 2.32 16.40
CA MET A 3 -10.94 2.59 16.82
C MET A 3 -10.03 1.43 16.44
N ALA A 4 -10.56 0.54 15.59
CA ALA A 4 -9.80 -0.61 15.13
C ALA A 4 -8.57 -0.15 14.34
N ILE A 5 -8.68 1.02 13.71
CA ILE A 5 -7.57 1.55 12.92
C ILE A 5 -6.43 1.99 13.83
N ALA A 6 -5.20 1.70 13.42
CA ALA A 6 -4.03 2.06 14.22
C ALA A 6 -2.81 2.21 13.33
N LEU A 7 -2.97 2.90 12.20
CA LEU A 7 -1.86 3.12 11.29
C LEU A 7 -0.90 4.18 11.84
N ARG A 8 0.37 4.04 11.51
CA ARG A 8 1.40 4.98 11.96
C ARG A 8 1.53 6.15 10.99
N ASP A 9 2.37 7.12 11.35
CA ASP A 9 2.57 8.29 10.50
C ASP A 9 3.17 7.86 9.17
N ASP A 10 4.08 6.90 9.20
CA ASP A 10 4.71 6.40 7.98
C ASP A 10 3.71 5.57 7.18
N GLU A 11 2.89 4.81 7.90
CA GLU A 11 1.88 3.96 7.27
C GLU A 11 0.78 4.81 6.65
N TYR A 12 0.36 5.85 7.36
CA TYR A 12 -0.69 6.74 6.85
C TYR A 12 -0.22 7.38 5.55
N ASP A 13 1.03 7.84 5.56
CA ASP A 13 1.61 8.48 4.38
C ASP A 13 1.70 7.48 3.23
N GLU A 14 2.03 6.24 3.57
CA GLU A 14 2.15 5.19 2.56
C GLU A 14 0.79 4.89 1.94
N TRP A 15 -0.24 4.89 2.77
CA TRP A 15 -1.60 4.63 2.31
C TRP A 15 -2.05 5.75 1.37
N GLN A 16 -1.83 6.99 1.77
CA GLN A 16 -2.23 8.11 0.93
C GLN A 16 -1.44 8.10 -0.37
N ASP A 17 -0.16 7.74 -0.26
CA ASP A 17 0.72 7.69 -1.43
C ASP A 17 0.27 6.60 -2.40
N ILE A 18 -0.21 5.47 -1.86
CA ILE A 18 -0.64 4.38 -2.71
C ILE A 18 -1.91 4.81 -3.44
N ILE A 19 -2.77 5.52 -2.73
CA ILE A 19 -4.02 6.00 -3.32
C ILE A 19 -3.72 6.92 -4.49
N ARG A 20 -2.76 7.81 -4.32
CA ARG A 20 -2.38 8.72 -5.39
C ARG A 20 -1.83 7.91 -6.56
N ASP A 21 -1.07 6.87 -6.24
CA ASP A 21 -0.49 6.02 -7.27
C ASP A 21 -1.55 5.39 -8.18
N TRP A 22 -2.63 4.87 -7.60
CA TRP A 22 -3.69 4.26 -8.41
C TRP A 22 -4.54 5.33 -9.09
N ARG A 23 -4.26 6.59 -8.78
CA ARG A 23 -5.00 7.71 -9.36
C ARG A 23 -6.50 7.60 -9.09
N LYS A 24 -6.89 6.77 -8.12
CA LYS A 24 -8.30 6.62 -7.75
C LYS A 24 -8.43 6.70 -6.23
N GLU A 25 -9.31 5.90 -5.63
CA GLU A 25 -9.48 5.93 -4.17
C GLU A 25 -9.76 4.53 -3.60
N MET A 26 -9.00 4.18 -2.56
CA MET A 26 -9.18 2.89 -1.88
C MET A 26 -9.03 3.10 -0.37
N THR A 27 -9.75 2.32 0.41
CA THR A 27 -9.69 2.45 1.86
C THR A 27 -8.46 1.78 2.46
N VAL A 28 -8.23 2.06 3.74
CA VAL A 28 -7.09 1.48 4.44
C VAL A 28 -7.23 -0.04 4.49
N GLN A 29 -8.44 -0.51 4.81
CA GLN A 29 -8.67 -1.95 4.90
C GLN A 29 -8.24 -2.65 3.61
N GLN A 30 -8.53 -2.02 2.47
CA GLN A 30 -8.16 -2.60 1.20
C GLN A 30 -6.64 -2.74 1.11
N PHE A 31 -5.92 -1.72 1.57
CA PHE A 31 -4.46 -1.75 1.56
C PHE A 31 -3.96 -2.90 2.44
N LEU A 32 -4.53 -3.04 3.63
CA LEU A 32 -4.11 -4.10 4.52
C LEU A 32 -4.39 -5.46 3.88
N ASP A 33 -5.48 -5.55 3.14
CA ASP A 33 -5.78 -6.80 2.47
C ASP A 33 -4.73 -7.04 1.38
N LEU A 34 -4.29 -5.94 0.75
CA LEU A 34 -3.30 -6.00 -0.32
C LEU A 34 -1.94 -6.45 0.19
N LYS A 35 -1.48 -5.89 1.31
CA LYS A 35 -0.19 -6.26 1.86
C LYS A 35 -0.25 -7.71 2.33
N GLU A 36 -1.31 -8.07 3.02
CA GLU A 36 -1.45 -9.43 3.50
C GLU A 36 -1.33 -10.43 2.34
N ARG A 37 -2.11 -10.19 1.29
CA ARG A 37 -2.08 -11.08 0.13
C ARG A 37 -0.71 -11.10 -0.54
N ALA A 38 -0.15 -9.90 -0.78
CA ALA A 38 1.15 -9.82 -1.43
C ALA A 38 2.25 -10.47 -0.61
N LEU A 39 2.30 -10.11 0.66
CA LEU A 39 3.33 -10.66 1.54
C LEU A 39 3.13 -12.16 1.70
N SER A 40 1.90 -12.62 1.53
CA SER A 40 1.60 -14.05 1.66
C SER A 40 2.03 -14.79 0.40
N GLY A 41 2.56 -14.05 -0.57
CA GLY A 41 3.03 -14.65 -1.83
C GLY A 41 1.94 -14.66 -2.90
N ALA A 42 1.01 -13.71 -2.83
CA ALA A 42 -0.06 -13.65 -3.82
C ALA A 42 0.49 -13.31 -5.20
N SER A 43 -0.08 -13.93 -6.22
CA SER A 43 0.34 -13.68 -7.58
C SER A 43 -0.58 -12.66 -8.25
N ASP A 44 -1.63 -12.27 -7.53
CA ASP A 44 -2.57 -11.30 -8.04
C ASP A 44 -1.82 -10.15 -8.73
N PRO A 45 -2.41 -9.52 -9.73
CA PRO A 45 -1.74 -8.39 -10.43
C PRO A 45 -1.46 -7.24 -9.48
N ASP A 46 -2.34 -7.09 -8.50
CA ASP A 46 -2.18 -6.03 -7.50
C ASP A 46 -0.94 -6.27 -6.64
N SER A 47 -0.73 -7.54 -6.25
CA SER A 47 0.41 -7.89 -5.41
C SER A 47 1.75 -7.63 -6.10
N GLN A 48 1.92 -8.13 -7.33
CA GLN A 48 3.16 -7.92 -8.05
C GLN A 48 3.33 -6.45 -8.40
N ARG A 49 2.22 -5.80 -8.76
CA ARG A 49 2.27 -4.38 -9.07
C ARG A 49 2.69 -3.60 -7.83
N TYR A 50 2.17 -4.03 -6.68
CA TYR A 50 2.50 -3.40 -5.41
C TYR A 50 3.99 -3.51 -5.15
N ASN A 51 4.53 -4.70 -5.40
CA ASN A 51 5.95 -4.92 -5.20
C ASN A 51 6.73 -3.99 -6.13
N ALA A 52 6.25 -3.87 -7.36
CA ALA A 52 6.89 -2.99 -8.32
C ALA A 52 6.81 -1.55 -7.86
N TRP A 53 5.64 -1.13 -7.42
CA TRP A 53 5.47 0.23 -6.95
C TRP A 53 6.50 0.52 -5.87
N LEU A 54 6.70 -0.46 -4.99
CA LEU A 54 7.69 -0.31 -3.94
C LEU A 54 9.06 -0.19 -4.58
N GLU A 55 9.28 -0.96 -5.64
CA GLU A 55 10.55 -0.92 -6.35
C GLU A 55 10.78 0.47 -6.95
N LEU A 56 9.72 1.05 -7.54
CA LEU A 56 9.83 2.38 -8.13
C LEU A 56 10.22 3.36 -7.04
N ARG A 57 9.57 3.22 -5.91
CA ARG A 57 9.84 4.07 -4.76
C ARG A 57 11.28 3.89 -4.28
N ALA A 58 11.70 2.65 -4.23
CA ALA A 58 13.04 2.35 -3.78
C ALA A 58 14.03 3.11 -4.65
N LYS A 59 13.67 3.25 -5.92
CA LYS A 59 14.53 3.97 -6.86
C LYS A 59 14.50 5.48 -6.58
N ARG A 60 13.30 6.02 -6.33
CA ARG A 60 13.15 7.45 -6.06
C ARG A 60 12.87 7.70 -4.57
N LEU A 61 13.73 8.49 -3.94
CA LEU A 61 13.59 8.81 -2.51
C LEU A 61 13.20 10.28 -2.33
N SER A 62 12.29 10.53 -1.40
CA SER A 62 11.85 11.89 -1.14
C SER A 62 11.53 12.61 -2.44
N GLY A 1 -12.10 4.38 9.04
CA GLY A 1 -12.31 3.14 8.25
C GLY A 1 -11.49 2.01 8.85
N ALA A 2 -11.65 1.81 10.15
CA ALA A 2 -10.92 0.74 10.84
C ALA A 2 -11.43 0.55 12.26
N MET A 3 -11.82 1.65 12.91
CA MET A 3 -12.32 1.59 14.27
C MET A 3 -11.43 0.68 15.12
N ALA A 4 -10.11 0.82 14.95
CA ALA A 4 -9.16 0.02 15.70
C ALA A 4 -7.80 0.69 15.71
N ILE A 5 -6.96 0.36 14.72
CA ILE A 5 -5.63 0.94 14.63
C ILE A 5 -5.62 2.08 13.61
N ALA A 6 -5.11 3.23 14.02
CA ALA A 6 -5.06 4.39 13.13
C ALA A 6 -3.78 4.35 12.31
N LEU A 7 -3.24 3.13 12.10
CA LEU A 7 -2.01 2.98 11.33
C LEU A 7 -0.92 3.90 11.89
N ARG A 8 0.29 3.72 11.38
CA ARG A 8 1.43 4.53 11.81
C ARG A 8 1.57 5.76 10.92
N ASP A 9 2.40 6.71 11.35
CA ASP A 9 2.62 7.93 10.58
C ASP A 9 3.19 7.59 9.20
N ASP A 10 4.11 6.64 9.16
CA ASP A 10 4.72 6.25 7.89
C ASP A 10 3.73 5.47 7.05
N GLU A 11 3.03 4.54 7.69
CA GLU A 11 2.04 3.72 6.99
C GLU A 11 0.91 4.58 6.44
N TYR A 12 0.46 5.54 7.22
CA TYR A 12 -0.61 6.42 6.77
C TYR A 12 -0.18 7.15 5.52
N ASP A 13 1.05 7.65 5.52
CA ASP A 13 1.59 8.36 4.38
C ASP A 13 1.66 7.44 3.17
N GLU A 14 2.07 6.20 3.39
CA GLU A 14 2.17 5.23 2.31
C GLU A 14 0.78 4.96 1.74
N TRP A 15 -0.22 4.91 2.62
CA TRP A 15 -1.58 4.64 2.18
C TRP A 15 -2.07 5.78 1.27
N GLN A 16 -1.88 7.01 1.69
CA GLN A 16 -2.30 8.14 0.86
C GLN A 16 -1.50 8.19 -0.43
N ASP A 17 -0.21 7.89 -0.33
CA ASP A 17 0.66 7.92 -1.50
C ASP A 17 0.26 6.83 -2.50
N ILE A 18 -0.17 5.68 -2.00
CA ILE A 18 -0.56 4.61 -2.90
C ILE A 18 -1.84 5.03 -3.62
N ILE A 19 -2.73 5.68 -2.88
CA ILE A 19 -3.98 6.17 -3.46
C ILE A 19 -3.67 7.16 -4.57
N ARG A 20 -2.71 8.03 -4.30
CA ARG A 20 -2.31 9.02 -5.29
C ARG A 20 -1.86 8.31 -6.56
N ASP A 21 -1.11 7.22 -6.37
CA ASP A 21 -0.60 6.44 -7.49
C ASP A 21 -1.72 5.78 -8.32
N TRP A 22 -2.72 5.19 -7.65
CA TRP A 22 -3.80 4.53 -8.39
C TRP A 22 -4.76 5.56 -8.98
N ARG A 23 -4.48 6.83 -8.70
CA ARG A 23 -5.32 7.92 -9.20
C ARG A 23 -6.79 7.70 -8.86
N LYS A 24 -7.07 6.77 -7.94
CA LYS A 24 -8.45 6.50 -7.51
C LYS A 24 -8.50 6.35 -5.99
N GLU A 25 -9.55 6.89 -5.38
CA GLU A 25 -9.69 6.81 -3.93
C GLU A 25 -9.87 5.38 -3.44
N MET A 26 -9.17 5.03 -2.35
CA MET A 26 -9.27 3.69 -1.76
C MET A 26 -9.41 3.80 -0.24
N THR A 27 -9.45 2.64 0.41
CA THR A 27 -9.56 2.59 1.88
C THR A 27 -8.34 1.90 2.47
N VAL A 28 -8.12 2.13 3.76
CA VAL A 28 -7.01 1.52 4.46
C VAL A 28 -7.14 0.00 4.48
N GLN A 29 -8.36 -0.47 4.76
CA GLN A 29 -8.60 -1.91 4.83
C GLN A 29 -8.12 -2.59 3.55
N GLN A 30 -8.36 -1.96 2.41
CA GLN A 30 -7.95 -2.53 1.12
C GLN A 30 -6.43 -2.65 1.07
N PHE A 31 -5.73 -1.62 1.53
CA PHE A 31 -4.27 -1.64 1.54
C PHE A 31 -3.73 -2.76 2.43
N LEU A 32 -4.31 -2.89 3.62
CA LEU A 32 -3.91 -3.95 4.54
C LEU A 32 -4.21 -5.31 3.92
N ASP A 33 -5.33 -5.43 3.25
CA ASP A 33 -5.69 -6.69 2.62
C ASP A 33 -4.72 -6.99 1.48
N LEU A 34 -4.36 -5.94 0.74
CA LEU A 34 -3.45 -6.08 -0.40
C LEU A 34 -2.04 -6.49 0.03
N LYS A 35 -1.51 -5.83 1.07
CA LYS A 35 -0.18 -6.16 1.53
C LYS A 35 -0.20 -7.56 2.12
N GLU A 36 -1.22 -7.87 2.90
CA GLU A 36 -1.33 -9.20 3.49
C GLU A 36 -1.21 -10.26 2.40
N ARG A 37 -2.01 -10.10 1.35
CA ARG A 37 -1.97 -11.06 0.25
C ARG A 37 -0.61 -11.08 -0.44
N ALA A 38 -0.11 -9.91 -0.82
CA ALA A 38 1.17 -9.81 -1.51
C ALA A 38 2.30 -10.39 -0.67
N LEU A 39 2.38 -9.94 0.57
CA LEU A 39 3.42 -10.43 1.44
C LEU A 39 3.21 -11.91 1.73
N SER A 40 1.97 -12.38 1.59
CA SER A 40 1.66 -13.79 1.82
C SER A 40 2.08 -14.63 0.62
N GLY A 41 2.70 -13.98 -0.37
CA GLY A 41 3.19 -14.68 -1.56
C GLY A 41 2.15 -14.73 -2.68
N ALA A 42 1.23 -13.78 -2.70
CA ALA A 42 0.22 -13.76 -3.76
C ALA A 42 0.86 -13.38 -5.08
N SER A 43 0.35 -13.95 -6.17
CA SER A 43 0.88 -13.64 -7.49
C SER A 43 -0.09 -12.75 -8.27
N ASP A 44 -1.23 -12.48 -7.66
CA ASP A 44 -2.25 -11.63 -8.28
C ASP A 44 -1.57 -10.43 -8.94
N PRO A 45 -2.12 -9.88 -10.00
CA PRO A 45 -1.52 -8.72 -10.71
C PRO A 45 -1.32 -7.54 -9.76
N ASP A 46 -2.20 -7.45 -8.78
CA ASP A 46 -2.13 -6.39 -7.79
C ASP A 46 -0.97 -6.65 -6.83
N SER A 47 -0.61 -7.93 -6.68
CA SER A 47 0.47 -8.32 -5.79
C SER A 47 1.82 -7.96 -6.39
N GLN A 48 2.05 -8.42 -7.62
CA GLN A 48 3.31 -8.13 -8.30
C GLN A 48 3.42 -6.63 -8.55
N ARG A 49 2.30 -6.01 -8.93
CA ARG A 49 2.29 -4.58 -9.18
C ARG A 49 2.58 -3.82 -7.90
N TYR A 50 2.01 -4.27 -6.80
CA TYR A 50 2.26 -3.63 -5.52
C TYR A 50 3.73 -3.76 -5.16
N ASN A 51 4.27 -4.96 -5.35
CA ASN A 51 5.67 -5.19 -5.05
C ASN A 51 6.52 -4.27 -5.91
N ALA A 52 6.13 -4.13 -7.18
CA ALA A 52 6.84 -3.25 -8.07
C ALA A 52 6.73 -1.81 -7.58
N TRP A 53 5.54 -1.43 -7.16
CA TRP A 53 5.34 -0.08 -6.67
C TRP A 53 6.35 0.22 -5.59
N LEU A 54 6.57 -0.76 -4.71
CA LEU A 54 7.55 -0.59 -3.66
C LEU A 54 8.93 -0.43 -4.30
N GLU A 55 9.17 -1.21 -5.34
CA GLU A 55 10.45 -1.15 -6.05
C GLU A 55 10.67 0.23 -6.67
N LEU A 56 9.66 0.74 -7.38
CA LEU A 56 9.78 2.06 -8.00
C LEU A 56 9.99 3.09 -6.91
N ARG A 57 9.25 2.94 -5.83
CA ARG A 57 9.35 3.84 -4.71
C ARG A 57 10.76 3.84 -4.14
N ALA A 58 11.34 2.65 -4.02
CA ALA A 58 12.67 2.54 -3.49
C ALA A 58 13.61 3.36 -4.36
N LYS A 59 13.34 3.35 -5.66
CA LYS A 59 14.15 4.11 -6.60
C LYS A 59 13.88 5.60 -6.48
N ARG A 60 12.62 5.96 -6.26
CA ARG A 60 12.21 7.35 -6.16
C ARG A 60 12.90 8.07 -4.99
N LEU A 61 13.12 7.35 -3.89
CA LEU A 61 13.75 7.94 -2.72
C LEU A 61 12.87 9.08 -2.20
N SER A 62 12.87 9.26 -0.89
CA SER A 62 12.07 10.32 -0.27
C SER A 62 12.41 11.67 -0.87
N GLY A 1 -6.47 10.16 20.54
CA GLY A 1 -6.56 9.14 21.62
C GLY A 1 -7.58 8.08 21.24
N ALA A 2 -8.40 8.40 20.24
CA ALA A 2 -9.43 7.47 19.78
C ALA A 2 -8.82 6.41 18.86
N MET A 3 -9.68 5.76 18.08
CA MET A 3 -9.22 4.73 17.16
C MET A 3 -8.29 5.33 16.11
N ALA A 4 -8.65 6.51 15.64
CA ALA A 4 -7.86 7.22 14.63
C ALA A 4 -7.53 6.31 13.45
N ILE A 5 -6.58 6.74 12.64
CA ILE A 5 -6.17 5.96 11.47
C ILE A 5 -5.49 4.67 11.88
N ALA A 6 -4.89 4.67 13.08
CA ALA A 6 -4.21 3.50 13.60
C ALA A 6 -2.88 3.29 12.90
N LEU A 7 -2.77 3.80 11.69
CA LEU A 7 -1.54 3.69 10.92
C LEU A 7 -0.51 4.71 11.41
N ARG A 8 0.75 4.33 11.34
CA ARG A 8 1.83 5.20 11.78
C ARG A 8 2.03 6.34 10.78
N ASP A 9 2.86 7.31 11.15
CA ASP A 9 3.12 8.44 10.27
C ASP A 9 3.71 7.95 8.95
N ASP A 10 4.65 7.01 9.03
CA ASP A 10 5.26 6.46 7.83
C ASP A 10 4.22 5.67 7.05
N GLU A 11 3.42 4.90 7.77
CA GLU A 11 2.38 4.08 7.15
C GLU A 11 1.31 4.95 6.51
N TYR A 12 1.01 6.08 7.15
CA TYR A 12 -0.01 6.98 6.64
C TYR A 12 0.37 7.46 5.24
N ASP A 13 1.63 7.84 5.06
CA ASP A 13 2.09 8.30 3.76
C ASP A 13 2.01 7.17 2.74
N GLU A 14 2.31 5.95 3.18
CA GLU A 14 2.27 4.80 2.28
C GLU A 14 0.86 4.57 1.74
N TRP A 15 -0.14 4.63 2.63
CA TRP A 15 -1.52 4.43 2.22
C TRP A 15 -1.97 5.57 1.30
N GLN A 16 -1.71 6.81 1.67
CA GLN A 16 -2.10 7.94 0.83
C GLN A 16 -1.37 7.86 -0.51
N ASP A 17 -0.11 7.50 -0.45
CA ASP A 17 0.71 7.41 -1.65
C ASP A 17 0.19 6.29 -2.56
N ILE A 18 -0.29 5.20 -1.96
CA ILE A 18 -0.80 4.09 -2.76
C ILE A 18 -2.08 4.53 -3.47
N ILE A 19 -2.87 5.34 -2.78
CA ILE A 19 -4.11 5.84 -3.36
C ILE A 19 -3.78 6.67 -4.58
N ARG A 20 -2.76 7.50 -4.44
CA ARG A 20 -2.32 8.33 -5.55
C ARG A 20 -1.86 7.44 -6.71
N ASP A 21 -1.15 6.37 -6.36
CA ASP A 21 -0.64 5.43 -7.36
C ASP A 21 -1.78 4.79 -8.18
N TRP A 22 -2.83 4.34 -7.51
CA TRP A 22 -3.95 3.70 -8.21
C TRP A 22 -4.84 4.73 -8.89
N ARG A 23 -4.53 6.00 -8.70
CA ARG A 23 -5.32 7.06 -9.31
C ARG A 23 -6.81 6.93 -8.95
N LYS A 24 -7.09 6.18 -7.88
CA LYS A 24 -8.48 6.00 -7.43
C LYS A 24 -8.51 5.89 -5.90
N GLU A 25 -9.57 6.40 -5.30
CA GLU A 25 -9.72 6.37 -3.86
C GLU A 25 -10.06 4.97 -3.34
N MET A 26 -9.41 4.57 -2.25
CA MET A 26 -9.65 3.27 -1.63
C MET A 26 -9.39 3.38 -0.13
N THR A 27 -10.04 2.52 0.64
CA THR A 27 -9.89 2.55 2.10
C THR A 27 -8.61 1.87 2.55
N VAL A 28 -8.26 2.10 3.81
CA VAL A 28 -7.08 1.50 4.42
C VAL A 28 -7.24 -0.01 4.44
N GLN A 29 -8.43 -0.47 4.81
CA GLN A 29 -8.68 -1.90 4.87
C GLN A 29 -8.29 -2.55 3.55
N GLN A 30 -8.72 -1.95 2.45
CA GLN A 30 -8.40 -2.47 1.13
C GLN A 30 -6.88 -2.62 1.00
N PHE A 31 -6.15 -1.60 1.43
CA PHE A 31 -4.69 -1.64 1.38
C PHE A 31 -4.18 -2.79 2.24
N LEU A 32 -4.73 -2.92 3.43
CA LEU A 32 -4.31 -3.98 4.33
C LEU A 32 -4.55 -5.34 3.70
N ASP A 33 -5.70 -5.51 3.07
CA ASP A 33 -5.99 -6.77 2.42
C ASP A 33 -4.97 -7.01 1.30
N LEU A 34 -4.56 -5.92 0.64
CA LEU A 34 -3.59 -6.01 -0.46
C LEU A 34 -2.22 -6.42 0.05
N LYS A 35 -1.75 -5.82 1.15
CA LYS A 35 -0.44 -6.16 1.68
C LYS A 35 -0.47 -7.59 2.22
N GLU A 36 -1.53 -7.95 2.91
CA GLU A 36 -1.64 -9.30 3.44
C GLU A 36 -1.50 -10.33 2.31
N ARG A 37 -2.28 -10.14 1.26
CA ARG A 37 -2.24 -11.06 0.12
C ARG A 37 -0.87 -11.04 -0.57
N ALA A 38 -0.37 -9.84 -0.84
CA ALA A 38 0.92 -9.71 -1.52
C ALA A 38 2.03 -10.34 -0.70
N LEU A 39 2.09 -9.99 0.58
CA LEU A 39 3.11 -10.54 1.44
C LEU A 39 2.91 -12.04 1.62
N SER A 40 1.67 -12.52 1.39
CA SER A 40 1.38 -13.94 1.54
C SER A 40 1.86 -14.72 0.31
N GLY A 41 2.40 -13.99 -0.67
CA GLY A 41 2.91 -14.62 -1.89
C GLY A 41 1.87 -14.66 -3.01
N ALA A 42 0.93 -13.71 -3.00
CA ALA A 42 -0.09 -13.67 -4.04
C ALA A 42 0.52 -13.25 -5.36
N SER A 43 -0.01 -13.78 -6.46
CA SER A 43 0.48 -13.42 -7.78
C SER A 43 -0.45 -12.39 -8.41
N ASP A 44 -1.52 -12.05 -7.69
CA ASP A 44 -2.48 -11.07 -8.19
C ASP A 44 -1.74 -9.89 -8.85
N PRO A 45 -2.32 -9.27 -9.83
CA PRO A 45 -1.66 -8.13 -10.53
C PRO A 45 -1.37 -6.98 -9.56
N ASP A 46 -2.20 -6.87 -8.55
CA ASP A 46 -2.02 -5.84 -7.54
C ASP A 46 -0.82 -6.16 -6.65
N SER A 47 -0.58 -7.45 -6.41
CA SER A 47 0.54 -7.84 -5.56
C SER A 47 1.88 -7.58 -6.25
N GLN A 48 2.02 -8.04 -7.49
CA GLN A 48 3.27 -7.82 -8.22
C GLN A 48 3.47 -6.34 -8.45
N ARG A 49 2.41 -5.63 -8.81
CA ARG A 49 2.51 -4.19 -9.03
C ARG A 49 2.86 -3.51 -7.72
N TYR A 50 2.30 -4.01 -6.62
CA TYR A 50 2.58 -3.46 -5.30
C TYR A 50 4.06 -3.59 -4.97
N ASN A 51 4.61 -4.78 -5.23
CA ASN A 51 6.02 -5.02 -4.96
C ASN A 51 6.88 -4.08 -5.80
N ALA A 52 6.47 -3.92 -7.05
CA ALA A 52 7.20 -3.01 -7.94
C ALA A 52 7.08 -1.60 -7.43
N TRP A 53 5.89 -1.23 -7.01
CA TRP A 53 5.67 0.12 -6.50
C TRP A 53 6.68 0.40 -5.40
N LEU A 54 6.91 -0.60 -4.54
CA LEU A 54 7.89 -0.43 -3.48
C LEU A 54 9.27 -0.24 -4.11
N GLU A 55 9.53 -1.00 -5.18
CA GLU A 55 10.80 -0.90 -5.88
C GLU A 55 10.96 0.50 -6.48
N LEU A 56 9.90 0.98 -7.14
CA LEU A 56 9.90 2.30 -7.75
C LEU A 56 10.12 3.34 -6.66
N ARG A 57 9.47 3.13 -5.53
CA ARG A 57 9.59 4.04 -4.41
C ARG A 57 11.03 4.19 -3.96
N ALA A 58 11.72 3.07 -3.87
CA ALA A 58 13.11 3.09 -3.44
C ALA A 58 13.94 3.84 -4.46
N LYS A 59 13.53 3.72 -5.72
CA LYS A 59 14.25 4.40 -6.80
C LYS A 59 14.09 5.91 -6.73
N ARG A 60 12.88 6.38 -6.46
CA ARG A 60 12.61 7.81 -6.39
C ARG A 60 12.83 8.35 -4.97
N LEU A 61 13.69 9.35 -4.86
CA LEU A 61 14.00 9.96 -3.55
C LEU A 61 13.39 11.36 -3.47
N SER A 62 12.65 11.60 -2.38
CA SER A 62 12.01 12.91 -2.17
C SER A 62 11.57 13.55 -3.48
N GLY A 1 -9.08 1.99 19.39
CA GLY A 1 -10.48 1.92 18.90
C GLY A 1 -10.64 0.73 17.96
N ALA A 2 -10.89 -0.44 18.53
CA ALA A 2 -11.07 -1.65 17.74
C ALA A 2 -9.99 -1.76 16.67
N MET A 3 -10.16 -2.71 15.76
CA MET A 3 -9.19 -2.93 14.69
C MET A 3 -9.38 -1.89 13.59
N ALA A 4 -10.12 -0.82 13.91
CA ALA A 4 -10.38 0.24 12.95
C ALA A 4 -9.10 0.60 12.18
N ILE A 5 -8.28 1.46 12.78
CA ILE A 5 -7.03 1.88 12.15
C ILE A 5 -5.86 1.80 13.13
N ALA A 6 -4.66 1.65 12.59
CA ALA A 6 -3.47 1.55 13.42
C ALA A 6 -2.21 1.77 12.58
N LEU A 7 -2.35 2.54 11.51
CA LEU A 7 -1.22 2.81 10.62
C LEU A 7 -0.35 3.92 11.19
N ARG A 8 0.96 3.66 11.21
CA ARG A 8 1.92 4.62 11.73
C ARG A 8 2.03 5.82 10.79
N ASP A 9 2.76 6.84 11.21
CA ASP A 9 2.94 8.03 10.40
C ASP A 9 3.55 7.66 9.05
N ASP A 10 4.50 6.74 9.08
CA ASP A 10 5.17 6.29 7.87
C ASP A 10 4.19 5.50 7.02
N GLU A 11 3.38 4.68 7.69
CA GLU A 11 2.39 3.84 7.01
C GLU A 11 1.28 4.69 6.41
N TYR A 12 0.90 5.75 7.11
CA TYR A 12 -0.17 6.63 6.64
C TYR A 12 0.21 7.23 5.29
N ASP A 13 1.47 7.66 5.19
CA ASP A 13 1.96 8.24 3.94
C ASP A 13 1.93 7.21 2.83
N GLU A 14 2.25 5.96 3.15
CA GLU A 14 2.26 4.90 2.15
C GLU A 14 0.85 4.66 1.62
N TRP A 15 -0.13 4.62 2.52
CA TRP A 15 -1.51 4.40 2.12
C TRP A 15 -1.99 5.54 1.22
N GLN A 16 -1.75 6.78 1.63
CA GLN A 16 -2.16 7.91 0.82
C GLN A 16 -1.42 7.91 -0.51
N ASP A 17 -0.14 7.56 -0.44
CA ASP A 17 0.70 7.53 -1.64
C ASP A 17 0.23 6.47 -2.63
N ILE A 18 -0.20 5.31 -2.11
CA ILE A 18 -0.65 4.24 -3.00
C ILE A 18 -1.96 4.68 -3.67
N ILE A 19 -2.80 5.38 -2.91
CA ILE A 19 -4.06 5.86 -3.45
C ILE A 19 -3.78 6.82 -4.60
N ARG A 20 -2.81 7.69 -4.40
CA ARG A 20 -2.41 8.63 -5.43
C ARG A 20 -2.00 7.86 -6.67
N ASP A 21 -1.25 6.78 -6.46
CA ASP A 21 -0.77 5.95 -7.56
C ASP A 21 -1.94 5.29 -8.31
N TRP A 22 -2.96 4.82 -7.59
CA TRP A 22 -4.10 4.18 -8.24
C TRP A 22 -4.99 5.22 -8.93
N ARG A 23 -4.64 6.50 -8.77
CA ARG A 23 -5.41 7.58 -9.39
C ARG A 23 -6.89 7.49 -9.04
N LYS A 24 -7.20 7.05 -7.82
CA LYS A 24 -8.59 6.94 -7.38
C LYS A 24 -8.69 7.06 -5.86
N GLU A 25 -9.64 6.35 -5.26
CA GLU A 25 -9.83 6.40 -3.80
C GLU A 25 -10.19 5.02 -3.26
N MET A 26 -9.57 4.66 -2.14
CA MET A 26 -9.83 3.38 -1.49
C MET A 26 -9.75 3.54 0.04
N THR A 27 -9.79 2.42 0.76
CA THR A 27 -9.71 2.46 2.23
C THR A 27 -8.49 1.73 2.73
N VAL A 28 -8.13 1.98 3.98
CA VAL A 28 -6.98 1.32 4.58
C VAL A 28 -7.19 -0.19 4.57
N GLN A 29 -8.40 -0.61 4.93
CA GLN A 29 -8.71 -2.02 4.97
C GLN A 29 -8.36 -2.69 3.64
N GLN A 30 -8.72 -2.04 2.55
CA GLN A 30 -8.44 -2.59 1.22
C GLN A 30 -6.93 -2.78 1.04
N PHE A 31 -6.17 -1.73 1.38
CA PHE A 31 -4.72 -1.80 1.26
C PHE A 31 -4.15 -2.86 2.20
N LEU A 32 -4.67 -2.88 3.42
CA LEU A 32 -4.23 -3.84 4.42
C LEU A 32 -4.52 -5.26 3.95
N ASP A 33 -5.66 -5.44 3.32
CA ASP A 33 -6.03 -6.74 2.78
C ASP A 33 -5.10 -7.09 1.62
N LEU A 34 -4.85 -6.09 0.76
CA LEU A 34 -4.00 -6.28 -0.40
C LEU A 34 -2.56 -6.61 0.01
N LYS A 35 -2.00 -5.84 0.93
CA LYS A 35 -0.64 -6.12 1.36
C LYS A 35 -0.59 -7.46 2.07
N GLU A 36 -1.64 -7.79 2.80
CA GLU A 36 -1.66 -9.07 3.47
C GLU A 36 -1.43 -10.18 2.45
N ARG A 37 -2.24 -10.20 1.40
CA ARG A 37 -2.07 -11.21 0.36
C ARG A 37 -0.75 -11.04 -0.39
N ALA A 38 -0.40 -9.81 -0.73
CA ALA A 38 0.85 -9.56 -1.46
C ALA A 38 2.04 -10.07 -0.66
N LEU A 39 2.08 -9.71 0.61
CA LEU A 39 3.16 -10.12 1.47
C LEU A 39 3.11 -11.63 1.72
N SER A 40 1.91 -12.21 1.54
CA SER A 40 1.74 -13.65 1.76
C SER A 40 2.28 -14.43 0.56
N GLY A 41 2.72 -13.71 -0.46
CA GLY A 41 3.28 -14.34 -1.66
C GLY A 41 2.23 -14.53 -2.76
N ALA A 42 1.23 -13.67 -2.80
CA ALA A 42 0.19 -13.76 -3.82
C ALA A 42 0.76 -13.39 -5.17
N SER A 43 0.17 -13.92 -6.23
CA SER A 43 0.62 -13.63 -7.59
C SER A 43 -0.33 -12.71 -8.33
N ASP A 44 -1.41 -12.30 -7.66
CA ASP A 44 -2.37 -11.40 -8.29
C ASP A 44 -1.60 -10.22 -8.91
N PRO A 45 -2.08 -9.65 -9.99
CA PRO A 45 -1.36 -8.52 -10.66
C PRO A 45 -1.15 -7.34 -9.71
N ASP A 46 -2.10 -7.14 -8.81
CA ASP A 46 -2.00 -6.05 -7.85
C ASP A 46 -0.84 -6.30 -6.87
N SER A 47 -0.62 -7.56 -6.52
CA SER A 47 0.44 -7.91 -5.58
C SER A 47 1.84 -7.67 -6.18
N GLN A 48 2.09 -8.23 -7.36
CA GLN A 48 3.37 -8.06 -8.00
C GLN A 48 3.60 -6.60 -8.38
N ARG A 49 2.55 -5.95 -8.88
CA ARG A 49 2.64 -4.55 -9.25
C ARG A 49 2.91 -3.70 -8.01
N TYR A 50 2.24 -4.06 -6.91
CA TYR A 50 2.41 -3.34 -5.66
C TYR A 50 3.87 -3.43 -5.20
N ASN A 51 4.43 -4.63 -5.28
CA ASN A 51 5.81 -4.84 -4.88
C ASN A 51 6.72 -3.99 -5.76
N ALA A 52 6.42 -3.96 -7.06
CA ALA A 52 7.21 -3.16 -7.97
C ALA A 52 7.07 -1.70 -7.61
N TRP A 53 5.85 -1.27 -7.33
CA TRP A 53 5.63 0.12 -6.98
C TRP A 53 6.56 0.50 -5.84
N LEU A 54 6.70 -0.39 -4.87
CA LEU A 54 7.60 -0.15 -3.75
C LEU A 54 9.01 -0.06 -4.30
N GLU A 55 9.33 -0.92 -5.27
CA GLU A 55 10.66 -0.91 -5.86
C GLU A 55 10.90 0.44 -6.56
N LEU A 56 9.89 0.95 -7.23
CA LEU A 56 10.01 2.23 -7.94
C LEU A 56 10.32 3.35 -6.97
N ARG A 57 9.61 3.41 -5.85
CA ARG A 57 9.84 4.48 -4.88
C ARG A 57 11.14 4.24 -4.14
N ALA A 58 11.47 2.98 -3.95
CA ALA A 58 12.68 2.62 -3.25
C ALA A 58 13.89 3.13 -4.01
N LYS A 59 13.84 2.99 -5.33
CA LYS A 59 14.94 3.47 -6.17
C LYS A 59 14.83 4.97 -6.38
N ARG A 60 13.61 5.48 -6.25
CA ARG A 60 13.33 6.91 -6.45
C ARG A 60 14.17 7.77 -5.50
N LEU A 61 15.48 7.83 -5.77
CA LEU A 61 16.40 8.63 -4.97
C LEU A 61 16.95 9.79 -5.81
N SER A 62 17.10 10.95 -5.18
CA SER A 62 17.60 12.13 -5.88
C SER A 62 18.80 11.77 -6.74
N GLY A 1 -10.57 0.66 23.63
CA GLY A 1 -10.66 0.29 22.19
C GLY A 1 -10.56 1.55 21.33
N ALA A 2 -9.38 2.17 21.33
CA ALA A 2 -9.17 3.39 20.55
C ALA A 2 -9.14 3.07 19.06
N MET A 3 -10.18 3.50 18.36
CA MET A 3 -10.26 3.27 16.92
C MET A 3 -9.38 4.24 16.16
N ALA A 4 -8.80 5.19 16.88
CA ALA A 4 -7.93 6.20 16.25
C ALA A 4 -6.59 5.60 15.85
N ILE A 5 -6.60 4.32 15.47
CA ILE A 5 -5.37 3.65 15.06
C ILE A 5 -4.80 4.31 13.80
N ALA A 6 -5.67 4.64 12.86
CA ALA A 6 -5.25 5.28 11.61
C ALA A 6 -3.92 4.70 11.12
N LEU A 7 -3.74 3.39 11.30
CA LEU A 7 -2.51 2.75 10.85
C LEU A 7 -1.30 3.45 11.45
N ARG A 8 -0.13 2.85 11.28
CA ARG A 8 1.10 3.43 11.80
C ARG A 8 1.47 4.67 10.99
N ASP A 9 2.38 5.47 11.53
CA ASP A 9 2.82 6.68 10.85
C ASP A 9 3.44 6.32 9.50
N ASP A 10 4.28 5.28 9.50
CA ASP A 10 4.92 4.85 8.26
C ASP A 10 3.88 4.33 7.29
N GLU A 11 2.96 3.54 7.81
CA GLU A 11 1.90 2.95 6.99
C GLU A 11 0.92 3.99 6.49
N TYR A 12 0.63 4.98 7.33
CA TYR A 12 -0.31 6.03 6.96
C TYR A 12 0.19 6.77 5.73
N ASP A 13 1.47 7.10 5.73
CA ASP A 13 2.07 7.81 4.61
C ASP A 13 2.01 6.96 3.35
N GLU A 14 2.23 5.66 3.52
CA GLU A 14 2.21 4.73 2.40
C GLU A 14 0.80 4.63 1.80
N TRP A 15 -0.21 4.56 2.65
CA TRP A 15 -1.58 4.47 2.18
C TRP A 15 -1.95 5.74 1.41
N GLN A 16 -1.67 6.90 1.99
CA GLN A 16 -1.97 8.15 1.30
C GLN A 16 -1.26 8.17 -0.06
N ASP A 17 -0.04 7.66 -0.07
CA ASP A 17 0.75 7.60 -1.29
C ASP A 17 0.09 6.69 -2.31
N ILE A 18 -0.53 5.60 -1.84
CA ILE A 18 -1.19 4.68 -2.75
C ILE A 18 -2.39 5.37 -3.40
N ILE A 19 -3.08 6.18 -2.61
CA ILE A 19 -4.25 6.91 -3.12
C ILE A 19 -3.80 7.80 -4.26
N ARG A 20 -2.69 8.50 -4.04
CA ARG A 20 -2.16 9.38 -5.06
C ARG A 20 -1.81 8.57 -6.29
N ASP A 21 -1.26 7.37 -6.07
CA ASP A 21 -0.87 6.49 -7.17
C ASP A 21 -2.06 6.08 -8.03
N TRP A 22 -3.16 5.66 -7.41
CA TRP A 22 -4.33 5.24 -8.17
C TRP A 22 -5.08 6.44 -8.73
N ARG A 23 -4.64 7.63 -8.37
CA ARG A 23 -5.27 8.85 -8.85
C ARG A 23 -6.77 8.84 -8.55
N LYS A 24 -7.18 7.94 -7.66
CA LYS A 24 -8.59 7.84 -7.27
C LYS A 24 -8.69 7.43 -5.80
N GLU A 25 -9.77 7.82 -5.14
CA GLU A 25 -9.96 7.50 -3.73
C GLU A 25 -10.27 6.03 -3.52
N MET A 26 -9.66 5.44 -2.50
CA MET A 26 -9.88 4.03 -2.14
C MET A 26 -10.00 3.92 -0.63
N THR A 27 -9.92 2.69 -0.12
CA THR A 27 -10.02 2.45 1.33
C THR A 27 -8.76 1.81 1.87
N VAL A 28 -8.53 1.98 3.17
CA VAL A 28 -7.39 1.38 3.82
C VAL A 28 -7.50 -0.14 3.72
N GLN A 29 -8.71 -0.65 3.94
CA GLN A 29 -8.94 -2.07 3.88
C GLN A 29 -8.34 -2.68 2.63
N GLN A 30 -8.62 -2.06 1.48
CA GLN A 30 -8.08 -2.56 0.22
C GLN A 30 -6.55 -2.58 0.27
N PHE A 31 -5.98 -1.48 0.76
CA PHE A 31 -4.52 -1.38 0.88
C PHE A 31 -3.98 -2.45 1.83
N LEU A 32 -4.61 -2.56 3.00
CA LEU A 32 -4.21 -3.53 4.01
C LEU A 32 -4.35 -4.95 3.48
N ASP A 33 -5.42 -5.20 2.76
CA ASP A 33 -5.66 -6.51 2.19
C ASP A 33 -4.62 -6.79 1.09
N LEU A 34 -4.32 -5.74 0.33
CA LEU A 34 -3.37 -5.83 -0.76
C LEU A 34 -1.96 -6.17 -0.26
N LYS A 35 -1.52 -5.45 0.76
CA LYS A 35 -0.19 -5.68 1.30
C LYS A 35 -0.15 -7.02 2.03
N GLU A 36 -1.15 -7.30 2.83
CA GLU A 36 -1.19 -8.56 3.56
C GLU A 36 -1.01 -9.74 2.60
N ARG A 37 -1.83 -9.79 1.55
CA ARG A 37 -1.72 -10.87 0.58
C ARG A 37 -0.37 -10.89 -0.11
N ALA A 38 0.07 -9.73 -0.58
CA ALA A 38 1.36 -9.63 -1.27
C ALA A 38 2.51 -10.05 -0.38
N LEU A 39 2.54 -9.48 0.81
CA LEU A 39 3.59 -9.79 1.76
C LEU A 39 3.53 -11.26 2.17
N SER A 40 2.34 -11.85 2.06
CA SER A 40 2.16 -13.26 2.43
C SER A 40 2.68 -14.17 1.32
N GLY A 41 3.14 -13.57 0.22
CA GLY A 41 3.68 -14.33 -0.90
C GLY A 41 2.64 -14.59 -1.99
N ALA A 42 1.62 -13.73 -2.06
CA ALA A 42 0.58 -13.88 -3.07
C ALA A 42 1.16 -13.61 -4.45
N SER A 43 0.64 -14.31 -5.46
CA SER A 43 1.11 -14.13 -6.83
C SER A 43 0.10 -13.33 -7.63
N ASP A 44 -1.02 -13.00 -7.01
CA ASP A 44 -2.06 -12.21 -7.68
C ASP A 44 -1.40 -11.07 -8.47
N PRO A 45 -1.98 -10.63 -9.56
CA PRO A 45 -1.39 -9.53 -10.37
C PRO A 45 -1.21 -8.27 -9.53
N ASP A 46 -2.13 -8.07 -8.60
CA ASP A 46 -2.08 -6.91 -7.72
C ASP A 46 -0.86 -6.99 -6.81
N SER A 47 -0.54 -8.20 -6.35
CA SER A 47 0.58 -8.40 -5.44
C SER A 47 1.93 -8.11 -6.11
N GLN A 48 2.17 -8.71 -7.27
CA GLN A 48 3.43 -8.50 -7.95
C GLN A 48 3.53 -7.02 -8.37
N ARG A 49 2.42 -6.45 -8.80
CA ARG A 49 2.40 -5.05 -9.18
C ARG A 49 2.70 -4.18 -7.96
N TYR A 50 2.14 -4.56 -6.82
CA TYR A 50 2.37 -3.81 -5.59
C TYR A 50 3.84 -3.85 -5.23
N ASN A 51 4.44 -5.03 -5.37
CA ASN A 51 5.85 -5.20 -5.08
C ASN A 51 6.67 -4.30 -6.00
N ALA A 52 6.26 -4.24 -7.27
CA ALA A 52 6.95 -3.40 -8.23
C ALA A 52 6.75 -1.95 -7.85
N TRP A 53 5.54 -1.59 -7.44
CA TRP A 53 5.26 -0.23 -7.07
C TRP A 53 6.25 0.20 -6.02
N LEU A 54 6.53 -0.70 -5.08
CA LEU A 54 7.51 -0.43 -4.05
C LEU A 54 8.88 -0.28 -4.72
N GLU A 55 9.13 -1.12 -5.72
CA GLU A 55 10.40 -1.08 -6.44
C GLU A 55 10.59 0.29 -7.07
N LEU A 56 9.56 0.76 -7.78
CA LEU A 56 9.63 2.07 -8.43
C LEU A 56 9.80 3.16 -7.38
N ARG A 57 9.06 3.04 -6.29
CA ARG A 57 9.14 4.03 -5.25
C ARG A 57 10.55 4.11 -4.67
N ALA A 58 11.11 2.95 -4.42
CA ALA A 58 12.44 2.86 -3.84
C ALA A 58 13.50 3.35 -4.82
N LYS A 59 13.18 3.25 -6.10
CA LYS A 59 14.12 3.67 -7.15
C LYS A 59 14.18 5.19 -7.25
N ARG A 60 13.03 5.85 -7.09
CA ARG A 60 12.99 7.31 -7.14
C ARG A 60 13.37 7.88 -5.79
N LEU A 61 14.39 7.28 -5.18
CA LEU A 61 14.84 7.71 -3.87
C LEU A 61 15.33 9.15 -3.93
N SER A 62 16.04 9.49 -5.00
CA SER A 62 16.56 10.84 -5.17
C SER A 62 17.55 11.18 -4.06
N GLY A 1 -8.82 12.41 11.38
CA GLY A 1 -9.98 11.49 11.44
C GLY A 1 -10.35 11.22 12.90
N ALA A 2 -9.79 10.15 13.45
CA ALA A 2 -10.06 9.77 14.84
C ALA A 2 -8.83 9.05 15.42
N MET A 3 -8.69 9.13 16.74
CA MET A 3 -7.57 8.47 17.41
C MET A 3 -7.71 6.95 17.35
N ALA A 4 -8.88 6.50 16.89
CA ALA A 4 -9.15 5.08 16.78
C ALA A 4 -8.16 4.39 15.84
N ILE A 5 -7.72 5.10 14.80
CA ILE A 5 -6.78 4.54 13.85
C ILE A 5 -5.66 3.78 14.57
N ALA A 6 -4.84 3.07 13.79
CA ALA A 6 -3.73 2.30 14.37
C ALA A 6 -2.51 2.36 13.46
N LEU A 7 -2.66 3.01 12.31
CA LEU A 7 -1.57 3.13 11.36
C LEU A 7 -0.59 4.22 11.82
N ARG A 8 0.69 4.01 11.51
CA ARG A 8 1.73 4.98 11.88
C ARG A 8 1.81 6.09 10.85
N ASP A 9 2.58 7.13 11.17
CA ASP A 9 2.73 8.26 10.24
C ASP A 9 3.35 7.77 8.93
N ASP A 10 4.33 6.88 9.04
CA ASP A 10 4.99 6.33 7.85
C ASP A 10 3.98 5.52 7.06
N GLU A 11 3.17 4.75 7.79
CA GLU A 11 2.15 3.92 7.19
C GLU A 11 1.03 4.77 6.58
N TYR A 12 0.66 5.83 7.29
CA TYR A 12 -0.38 6.73 6.83
C TYR A 12 0.03 7.37 5.51
N ASP A 13 1.28 7.82 5.47
CA ASP A 13 1.80 8.45 4.26
C ASP A 13 1.84 7.43 3.12
N GLU A 14 2.18 6.20 3.47
CA GLU A 14 2.24 5.13 2.48
C GLU A 14 0.87 4.87 1.90
N TRP A 15 -0.14 4.88 2.76
CA TRP A 15 -1.51 4.64 2.33
C TRP A 15 -1.98 5.76 1.40
N GLN A 16 -1.79 7.01 1.80
CA GLN A 16 -2.22 8.11 0.94
C GLN A 16 -1.43 8.09 -0.37
N ASP A 17 -0.15 7.79 -0.27
CA ASP A 17 0.71 7.75 -1.43
C ASP A 17 0.29 6.64 -2.40
N ILE A 18 -0.14 5.51 -1.86
CA ILE A 18 -0.55 4.39 -2.70
C ILE A 18 -1.85 4.76 -3.42
N ILE A 19 -2.72 5.47 -2.70
CA ILE A 19 -3.98 5.89 -3.28
C ILE A 19 -3.70 6.79 -4.48
N ARG A 20 -2.76 7.71 -4.31
CA ARG A 20 -2.40 8.60 -5.40
C ARG A 20 -1.87 7.76 -6.56
N ASP A 21 -1.11 6.73 -6.23
CA ASP A 21 -0.52 5.85 -7.24
C ASP A 21 -1.59 5.16 -8.10
N TRP A 22 -2.66 4.65 -7.48
CA TRP A 22 -3.71 3.96 -8.24
C TRP A 22 -4.58 4.96 -8.98
N ARG A 23 -4.31 6.24 -8.80
CA ARG A 23 -5.08 7.29 -9.46
C ARG A 23 -6.56 7.20 -9.09
N LYS A 24 -6.88 6.45 -8.04
CA LYS A 24 -8.26 6.30 -7.60
C LYS A 24 -8.34 6.17 -6.08
N GLU A 25 -9.38 6.75 -5.48
CA GLU A 25 -9.56 6.72 -4.04
C GLU A 25 -9.77 5.31 -3.51
N MET A 26 -9.10 4.99 -2.39
CA MET A 26 -9.21 3.69 -1.74
C MET A 26 -9.29 3.86 -0.23
N THR A 27 -9.39 2.73 0.47
CA THR A 27 -9.46 2.74 1.94
C THR A 27 -8.28 1.98 2.54
N VAL A 28 -8.06 2.19 3.83
CA VAL A 28 -6.98 1.51 4.54
C VAL A 28 -7.22 0.00 4.56
N GLN A 29 -8.46 -0.40 4.80
CA GLN A 29 -8.81 -1.81 4.87
C GLN A 29 -8.38 -2.54 3.60
N GLN A 30 -8.71 -1.97 2.45
CA GLN A 30 -8.35 -2.58 1.18
C GLN A 30 -6.84 -2.69 1.06
N PHE A 31 -6.14 -1.65 1.50
CA PHE A 31 -4.68 -1.66 1.47
C PHE A 31 -4.14 -2.81 2.33
N LEU A 32 -4.73 -2.97 3.51
CA LEU A 32 -4.32 -4.02 4.43
C LEU A 32 -4.48 -5.37 3.75
N ASP A 33 -5.57 -5.54 3.04
CA ASP A 33 -5.83 -6.79 2.34
C ASP A 33 -4.78 -7.02 1.25
N LEU A 34 -4.46 -5.94 0.51
CA LEU A 34 -3.49 -6.03 -0.57
C LEU A 34 -2.10 -6.42 -0.06
N LYS A 35 -1.62 -5.74 0.97
CA LYS A 35 -0.31 -6.03 1.51
C LYS A 35 -0.27 -7.42 2.12
N GLU A 36 -1.37 -7.83 2.73
CA GLU A 36 -1.42 -9.16 3.34
C GLU A 36 -1.26 -10.24 2.28
N ARG A 37 -2.09 -10.18 1.25
CA ARG A 37 -2.03 -11.17 0.18
C ARG A 37 -0.68 -11.15 -0.52
N ALA A 38 -0.20 -9.96 -0.85
CA ALA A 38 1.08 -9.82 -1.54
C ALA A 38 2.21 -10.36 -0.69
N LEU A 39 2.25 -9.98 0.57
CA LEU A 39 3.30 -10.42 1.48
C LEU A 39 3.23 -11.92 1.62
N SER A 40 2.03 -12.46 1.41
CA SER A 40 1.81 -13.90 1.52
C SER A 40 2.31 -14.61 0.27
N GLY A 41 2.78 -13.84 -0.71
CA GLY A 41 3.31 -14.41 -1.95
C GLY A 41 2.24 -14.62 -3.01
N ALA A 42 1.18 -13.81 -2.95
CA ALA A 42 0.11 -13.92 -3.93
C ALA A 42 0.60 -13.54 -5.32
N SER A 43 0.10 -14.22 -6.33
CA SER A 43 0.51 -13.93 -7.70
C SER A 43 -0.41 -12.90 -8.33
N ASP A 44 -1.51 -12.57 -7.64
CA ASP A 44 -2.46 -11.59 -8.14
C ASP A 44 -1.72 -10.41 -8.80
N PRO A 45 -2.30 -9.79 -9.80
CA PRO A 45 -1.65 -8.63 -10.49
C PRO A 45 -1.39 -7.48 -9.52
N ASP A 46 -2.25 -7.36 -8.52
CA ASP A 46 -2.12 -6.30 -7.53
C ASP A 46 -0.91 -6.56 -6.63
N SER A 47 -0.60 -7.84 -6.40
CA SER A 47 0.53 -8.19 -5.54
C SER A 47 1.86 -7.87 -6.22
N GLN A 48 2.03 -8.34 -7.44
CA GLN A 48 3.26 -8.09 -8.17
C GLN A 48 3.40 -6.60 -8.45
N ARG A 49 2.29 -5.97 -8.83
CA ARG A 49 2.31 -4.54 -9.09
C ARG A 49 2.64 -3.78 -7.83
N TYR A 50 2.10 -4.26 -6.70
CA TYR A 50 2.36 -3.63 -5.42
C TYR A 50 3.85 -3.68 -5.10
N ASN A 51 4.45 -4.85 -5.32
CA ASN A 51 5.88 -5.00 -5.07
C ASN A 51 6.66 -4.03 -5.95
N ALA A 52 6.23 -3.91 -7.20
CA ALA A 52 6.88 -2.99 -8.12
C ALA A 52 6.70 -1.57 -7.63
N TRP A 53 5.49 -1.23 -7.20
CA TRP A 53 5.24 0.11 -6.73
C TRP A 53 6.26 0.45 -5.65
N LEU A 54 6.53 -0.52 -4.79
CA LEU A 54 7.51 -0.33 -3.74
C LEU A 54 8.88 -0.13 -4.38
N GLU A 55 9.13 -0.87 -5.46
CA GLU A 55 10.40 -0.75 -6.17
C GLU A 55 10.55 0.66 -6.75
N LEU A 56 9.45 1.19 -7.29
CA LEU A 56 9.48 2.53 -7.86
C LEU A 56 9.84 3.52 -6.75
N ARG A 57 9.25 3.30 -5.59
CA ARG A 57 9.54 4.14 -4.45
C ARG A 57 10.98 3.99 -4.01
N ALA A 58 11.43 2.75 -3.97
CA ALA A 58 12.78 2.46 -3.55
C ALA A 58 13.79 3.23 -4.38
N LYS A 59 13.49 3.43 -5.66
CA LYS A 59 14.41 4.19 -6.51
C LYS A 59 14.25 5.70 -6.27
N ARG A 60 13.01 6.12 -5.99
CA ARG A 60 12.75 7.53 -5.73
C ARG A 60 13.57 7.99 -4.53
N LEU A 61 13.65 7.13 -3.53
CA LEU A 61 14.41 7.44 -2.33
C LEU A 61 15.89 7.62 -2.66
N SER A 62 16.40 6.74 -3.54
CA SER A 62 17.81 6.81 -3.96
C SER A 62 17.91 7.37 -5.37
N GLY A 1 -6.73 15.13 16.33
CA GLY A 1 -7.83 15.68 15.48
C GLY A 1 -8.71 14.53 14.99
N ALA A 2 -8.22 13.30 15.14
CA ALA A 2 -8.98 12.14 14.72
C ALA A 2 -8.41 10.86 15.33
N MET A 3 -7.16 10.55 14.99
CA MET A 3 -6.52 9.34 15.51
C MET A 3 -7.47 8.15 15.37
N ALA A 4 -8.48 8.31 14.53
CA ALA A 4 -9.46 7.25 14.30
C ALA A 4 -8.79 6.05 13.64
N ILE A 5 -7.81 6.31 12.78
CA ILE A 5 -7.10 5.25 12.08
C ILE A 5 -6.04 4.62 12.98
N ALA A 6 -5.90 3.30 12.87
CA ALA A 6 -4.92 2.58 13.68
C ALA A 6 -3.55 2.61 13.01
N LEU A 7 -3.49 3.22 11.83
CA LEU A 7 -2.24 3.31 11.09
C LEU A 7 -1.29 4.34 11.72
N ARG A 8 -0.01 4.08 11.58
CA ARG A 8 1.02 4.95 12.13
C ARG A 8 1.29 6.11 11.17
N ASP A 9 2.07 7.08 11.63
CA ASP A 9 2.39 8.24 10.80
C ASP A 9 3.06 7.80 9.51
N ASP A 10 4.03 6.90 9.62
CA ASP A 10 4.73 6.40 8.44
C ASP A 10 3.78 5.64 7.54
N GLU A 11 2.93 4.82 8.17
CA GLU A 11 1.96 4.02 7.44
C GLU A 11 0.90 4.90 6.78
N TYR A 12 0.51 5.97 7.46
CA TYR A 12 -0.49 6.89 6.93
C TYR A 12 -0.03 7.46 5.59
N ASP A 13 1.23 7.85 5.54
CA ASP A 13 1.79 8.41 4.32
C ASP A 13 1.80 7.36 3.21
N GLU A 14 2.09 6.11 3.59
CA GLU A 14 2.13 5.02 2.62
C GLU A 14 0.74 4.77 2.03
N TRP A 15 -0.29 4.82 2.88
CA TRP A 15 -1.65 4.59 2.41
C TRP A 15 -2.07 5.73 1.46
N GLN A 16 -1.82 6.97 1.84
CA GLN A 16 -2.17 8.07 0.97
C GLN A 16 -1.36 8.02 -0.33
N ASP A 17 -0.10 7.63 -0.18
CA ASP A 17 0.79 7.52 -1.33
C ASP A 17 0.30 6.44 -2.30
N ILE A 18 -0.21 5.34 -1.77
CA ILE A 18 -0.68 4.26 -2.62
C ILE A 18 -1.92 4.75 -3.38
N ILE A 19 -2.76 5.51 -2.70
CA ILE A 19 -3.96 6.05 -3.32
C ILE A 19 -3.55 6.90 -4.51
N ARG A 20 -2.53 7.73 -4.32
CA ARG A 20 -2.04 8.56 -5.40
C ARG A 20 -1.56 7.69 -6.55
N ASP A 21 -0.88 6.60 -6.22
CA ASP A 21 -0.35 5.70 -7.24
C ASP A 21 -1.48 5.09 -8.08
N TRP A 22 -2.57 4.66 -7.43
CA TRP A 22 -3.67 4.05 -8.18
C TRP A 22 -4.52 5.14 -8.83
N ARG A 23 -4.17 6.38 -8.58
CA ARG A 23 -4.89 7.51 -9.15
C ARG A 23 -6.39 7.41 -8.85
N LYS A 24 -6.75 6.53 -7.92
CA LYS A 24 -8.16 6.38 -7.52
C LYS A 24 -8.25 6.22 -6.01
N GLU A 25 -9.34 6.73 -5.43
CA GLU A 25 -9.53 6.66 -3.98
C GLU A 25 -9.95 5.26 -3.52
N MET A 26 -9.36 4.82 -2.41
CA MET A 26 -9.68 3.52 -1.83
C MET A 26 -9.58 3.59 -0.31
N THR A 27 -10.03 2.55 0.38
CA THR A 27 -10.01 2.53 1.84
C THR A 27 -8.73 1.89 2.38
N VAL A 28 -8.47 2.14 3.66
CA VAL A 28 -7.30 1.59 4.33
C VAL A 28 -7.38 0.06 4.40
N GLN A 29 -8.56 -0.45 4.74
CA GLN A 29 -8.75 -1.89 4.86
C GLN A 29 -8.31 -2.59 3.58
N GLN A 30 -8.68 -2.05 2.44
CA GLN A 30 -8.29 -2.63 1.16
C GLN A 30 -6.77 -2.68 1.04
N PHE A 31 -6.11 -1.62 1.51
CA PHE A 31 -4.65 -1.57 1.46
C PHE A 31 -4.05 -2.71 2.30
N LEU A 32 -4.60 -2.91 3.49
CA LEU A 32 -4.13 -3.98 4.37
C LEU A 32 -4.35 -5.34 3.70
N ASP A 33 -5.47 -5.49 3.01
CA ASP A 33 -5.72 -6.75 2.34
C ASP A 33 -4.73 -6.93 1.20
N LEU A 34 -4.38 -5.84 0.54
CA LEU A 34 -3.44 -5.87 -0.57
C LEU A 34 -2.04 -6.30 -0.12
N LYS A 35 -1.56 -5.72 0.96
CA LYS A 35 -0.24 -6.07 1.45
C LYS A 35 -0.25 -7.49 2.02
N GLU A 36 -1.27 -7.79 2.81
CA GLU A 36 -1.35 -9.13 3.40
C GLU A 36 -1.21 -10.18 2.30
N ARG A 37 -2.02 -10.05 1.25
CA ARG A 37 -1.98 -11.01 0.14
C ARG A 37 -0.60 -11.02 -0.54
N ALA A 38 -0.09 -9.84 -0.86
CA ALA A 38 1.21 -9.75 -1.53
C ALA A 38 2.33 -10.31 -0.67
N LEU A 39 2.36 -9.88 0.57
CA LEU A 39 3.39 -10.33 1.48
C LEU A 39 3.26 -11.84 1.71
N SER A 40 2.06 -12.36 1.54
CA SER A 40 1.81 -13.79 1.72
C SER A 40 2.27 -14.57 0.48
N GLY A 41 2.77 -13.84 -0.52
CA GLY A 41 3.26 -14.47 -1.74
C GLY A 41 2.19 -14.54 -2.84
N ALA A 42 1.22 -13.65 -2.79
CA ALA A 42 0.15 -13.64 -3.79
C ALA A 42 0.71 -13.26 -5.15
N SER A 43 0.21 -13.91 -6.20
CA SER A 43 0.66 -13.62 -7.56
C SER A 43 -0.29 -12.67 -8.27
N ASP A 44 -1.42 -12.39 -7.64
CA ASP A 44 -2.41 -11.48 -8.24
C ASP A 44 -1.70 -10.29 -8.87
N PRO A 45 -2.24 -9.71 -9.92
CA PRO A 45 -1.59 -8.54 -10.59
C PRO A 45 -1.41 -7.38 -9.62
N ASP A 46 -2.34 -7.28 -8.68
CA ASP A 46 -2.27 -6.23 -7.67
C ASP A 46 -1.06 -6.45 -6.77
N SER A 47 -0.78 -7.71 -6.44
CA SER A 47 0.35 -8.04 -5.56
C SER A 47 1.70 -7.78 -6.24
N GLN A 48 1.90 -8.33 -7.44
CA GLN A 48 3.15 -8.11 -8.13
C GLN A 48 3.33 -6.63 -8.42
N ARG A 49 2.24 -5.97 -8.79
CA ARG A 49 2.30 -4.54 -9.06
C ARG A 49 2.66 -3.79 -7.79
N TYR A 50 2.13 -4.24 -6.65
CA TYR A 50 2.42 -3.62 -5.37
C TYR A 50 3.91 -3.71 -5.08
N ASN A 51 4.48 -4.89 -5.30
CA ASN A 51 5.90 -5.08 -5.08
C ASN A 51 6.69 -4.17 -6.00
N ALA A 52 6.24 -4.05 -7.24
CA ALA A 52 6.90 -3.19 -8.19
C ALA A 52 6.79 -1.75 -7.72
N TRP A 53 5.62 -1.38 -7.24
CA TRP A 53 5.43 -0.02 -6.77
C TRP A 53 6.48 0.30 -5.72
N LEU A 54 6.75 -0.68 -4.85
CA LEU A 54 7.79 -0.49 -3.85
C LEU A 54 9.13 -0.32 -4.55
N GLU A 55 9.34 -1.09 -5.61
CA GLU A 55 10.57 -1.00 -6.38
C GLU A 55 10.70 0.38 -7.00
N LEU A 56 9.61 0.90 -7.57
CA LEU A 56 9.63 2.22 -8.16
C LEU A 56 9.97 3.24 -7.09
N ARG A 57 9.36 3.06 -5.92
CA ARG A 57 9.63 3.94 -4.82
C ARG A 57 11.10 3.86 -4.45
N ALA A 58 11.62 2.66 -4.45
CA ALA A 58 13.00 2.44 -4.13
C ALA A 58 13.86 3.30 -5.06
N LYS A 59 13.39 3.44 -6.30
CA LYS A 59 14.13 4.25 -7.26
C LYS A 59 14.08 5.72 -6.85
N ARG A 60 12.91 6.18 -6.40
CA ARG A 60 12.74 7.57 -5.97
C ARG A 60 12.68 7.70 -4.45
N LEU A 61 13.65 8.42 -3.88
CA LEU A 61 13.71 8.62 -2.44
C LEU A 61 13.01 9.91 -2.04
N SER A 62 12.18 9.84 -1.00
CA SER A 62 11.46 11.02 -0.53
C SER A 62 10.71 11.69 -1.68
N GLY A 1 -7.76 17.19 11.02
CA GLY A 1 -8.20 16.59 9.72
C GLY A 1 -9.03 15.34 10.00
N ALA A 2 -8.49 14.18 9.62
CA ALA A 2 -9.21 12.93 9.84
C ALA A 2 -9.38 12.69 11.34
N MET A 3 -10.56 12.21 11.73
CA MET A 3 -10.83 11.95 13.14
C MET A 3 -9.92 10.85 13.66
N ALA A 4 -9.71 9.81 12.84
CA ALA A 4 -8.85 8.69 13.22
C ALA A 4 -8.12 8.15 12.00
N ILE A 5 -6.86 7.76 12.19
CA ILE A 5 -6.04 7.22 11.11
C ILE A 5 -5.62 5.79 11.42
N ALA A 6 -5.39 5.50 12.70
CA ALA A 6 -5.00 4.16 13.12
C ALA A 6 -3.58 3.83 12.68
N LEU A 7 -3.30 4.11 11.43
CA LEU A 7 -1.99 3.86 10.85
C LEU A 7 -0.98 4.91 11.32
N ARG A 8 0.28 4.51 11.37
CA ARG A 8 1.34 5.40 11.80
C ARG A 8 1.53 6.51 10.77
N ASP A 9 2.34 7.52 11.13
CA ASP A 9 2.58 8.63 10.21
C ASP A 9 3.22 8.13 8.92
N ASP A 10 4.20 7.24 9.06
CA ASP A 10 4.88 6.69 7.90
C ASP A 10 3.90 5.84 7.08
N GLU A 11 3.11 5.07 7.78
CA GLU A 11 2.13 4.20 7.14
C GLU A 11 1.02 5.03 6.48
N TYR A 12 0.59 6.07 7.17
CA TYR A 12 -0.45 6.94 6.65
C TYR A 12 -0.01 7.58 5.34
N ASP A 13 1.24 8.02 5.31
CA ASP A 13 1.80 8.66 4.11
C ASP A 13 1.83 7.65 2.96
N GLU A 14 2.18 6.41 3.27
CA GLU A 14 2.26 5.38 2.25
C GLU A 14 0.87 5.08 1.68
N TRP A 15 -0.14 5.06 2.55
CA TRP A 15 -1.50 4.79 2.10
C TRP A 15 -1.99 5.93 1.20
N GLN A 16 -1.76 7.16 1.59
CA GLN A 16 -2.19 8.28 0.76
C GLN A 16 -1.45 8.24 -0.58
N ASP A 17 -0.17 7.92 -0.51
CA ASP A 17 0.66 7.84 -1.70
C ASP A 17 0.20 6.73 -2.64
N ILE A 18 -0.24 5.61 -2.07
CA ILE A 18 -0.70 4.49 -2.89
C ILE A 18 -2.00 4.89 -3.58
N ILE A 19 -2.84 5.63 -2.86
CA ILE A 19 -4.08 6.10 -3.43
C ILE A 19 -3.80 6.94 -4.66
N ARG A 20 -2.81 7.81 -4.54
CA ARG A 20 -2.45 8.65 -5.67
C ARG A 20 -1.96 7.75 -6.82
N ASP A 21 -1.23 6.70 -6.46
CA ASP A 21 -0.69 5.76 -7.45
C ASP A 21 -1.80 5.11 -8.28
N TRP A 22 -2.89 4.69 -7.64
CA TRP A 22 -3.99 4.04 -8.39
C TRP A 22 -4.88 5.07 -9.07
N ARG A 23 -4.56 6.35 -8.91
CA ARG A 23 -5.37 7.40 -9.52
C ARG A 23 -6.83 7.29 -9.09
N LYS A 24 -7.09 6.50 -8.06
CA LYS A 24 -8.46 6.33 -7.54
C LYS A 24 -8.42 6.10 -6.04
N GLU A 25 -9.53 6.40 -5.36
CA GLU A 25 -9.60 6.24 -3.91
C GLU A 25 -9.82 4.79 -3.50
N MET A 26 -9.27 4.45 -2.34
CA MET A 26 -9.41 3.10 -1.78
C MET A 26 -9.26 3.19 -0.26
N THR A 27 -9.82 2.22 0.45
CA THR A 27 -9.76 2.23 1.91
C THR A 27 -8.42 1.69 2.42
N VAL A 28 -8.14 1.97 3.70
CA VAL A 28 -6.92 1.52 4.34
C VAL A 28 -6.93 -0.01 4.46
N GLN A 29 -8.08 -0.55 4.85
CA GLN A 29 -8.22 -1.99 5.00
C GLN A 29 -7.78 -2.70 3.73
N GLN A 30 -8.15 -2.13 2.58
CA GLN A 30 -7.78 -2.72 1.30
C GLN A 30 -6.26 -2.79 1.19
N PHE A 31 -5.57 -1.74 1.63
CA PHE A 31 -4.11 -1.73 1.58
C PHE A 31 -3.55 -2.88 2.41
N LEU A 32 -4.08 -3.04 3.62
CA LEU A 32 -3.63 -4.10 4.51
C LEU A 32 -3.90 -5.47 3.88
N ASP A 33 -5.07 -5.62 3.26
CA ASP A 33 -5.41 -6.88 2.62
C ASP A 33 -4.49 -7.12 1.42
N LEU A 34 -4.22 -6.05 0.67
CA LEU A 34 -3.38 -6.13 -0.51
C LEU A 34 -1.95 -6.51 -0.16
N LYS A 35 -1.38 -5.88 0.85
CA LYS A 35 -0.02 -6.17 1.23
C LYS A 35 0.05 -7.56 1.85
N GLU A 36 -0.93 -7.88 2.68
CA GLU A 36 -0.95 -9.20 3.31
C GLU A 36 -0.88 -10.27 2.25
N ARG A 37 -1.74 -10.15 1.25
CA ARG A 37 -1.78 -11.11 0.15
C ARG A 37 -0.48 -11.08 -0.66
N ALA A 38 0.03 -9.88 -0.95
CA ALA A 38 1.26 -9.76 -1.74
C ALA A 38 2.46 -10.31 -0.95
N LEU A 39 2.50 -10.02 0.34
CA LEU A 39 3.57 -10.49 1.19
C LEU A 39 3.43 -12.00 1.37
N SER A 40 2.20 -12.47 1.21
CA SER A 40 1.91 -13.88 1.34
C SER A 40 2.33 -14.63 0.08
N GLY A 41 2.78 -13.89 -0.93
CA GLY A 41 3.22 -14.47 -2.19
C GLY A 41 2.11 -14.56 -3.21
N ALA A 42 1.13 -13.65 -3.12
CA ALA A 42 0.01 -13.64 -4.04
C ALA A 42 0.47 -13.30 -5.44
N SER A 43 -0.25 -13.81 -6.44
CA SER A 43 0.09 -13.55 -7.83
C SER A 43 -0.88 -12.55 -8.45
N ASP A 44 -1.84 -12.08 -7.66
CA ASP A 44 -2.81 -11.11 -8.15
C ASP A 44 -2.07 -9.97 -8.84
N PRO A 45 -2.66 -9.35 -9.84
CA PRO A 45 -2.00 -8.23 -10.58
C PRO A 45 -1.65 -7.08 -9.64
N ASP A 46 -2.52 -6.85 -8.64
CA ASP A 46 -2.30 -5.80 -7.67
C ASP A 46 -1.15 -6.15 -6.73
N SER A 47 -0.93 -7.45 -6.51
CA SER A 47 0.13 -7.90 -5.62
C SER A 47 1.51 -7.65 -6.24
N GLN A 48 1.71 -8.14 -7.46
CA GLN A 48 2.99 -7.95 -8.12
C GLN A 48 3.20 -6.47 -8.41
N ARG A 49 2.13 -5.79 -8.82
CA ARG A 49 2.22 -4.37 -9.11
C ARG A 49 2.54 -3.60 -7.84
N TYR A 50 1.94 -4.01 -6.71
CA TYR A 50 2.21 -3.36 -5.45
C TYR A 50 3.67 -3.53 -5.08
N ASN A 51 4.15 -4.77 -5.13
CA ASN A 51 5.53 -5.03 -4.79
C ASN A 51 6.45 -4.20 -5.69
N ALA A 52 6.09 -4.10 -6.97
CA ALA A 52 6.88 -3.31 -7.90
C ALA A 52 6.82 -1.83 -7.52
N TRP A 53 5.61 -1.35 -7.27
CA TRP A 53 5.44 0.04 -6.91
C TRP A 53 6.28 0.35 -5.68
N LEU A 54 6.28 -0.60 -4.74
CA LEU A 54 7.06 -0.45 -3.53
C LEU A 54 8.54 -0.42 -3.94
N GLU A 55 8.89 -1.26 -4.90
CA GLU A 55 10.26 -1.33 -5.40
C GLU A 55 10.64 0.02 -6.02
N LEU A 56 9.73 0.60 -6.79
CA LEU A 56 9.97 1.89 -7.42
C LEU A 56 10.23 2.92 -6.33
N ARG A 57 9.45 2.84 -5.26
CA ARG A 57 9.62 3.76 -4.16
C ARG A 57 11.01 3.62 -3.56
N ALA A 58 11.46 2.38 -3.39
CA ALA A 58 12.77 2.16 -2.84
C ALA A 58 13.80 2.88 -3.70
N LYS A 59 13.54 2.91 -5.00
CA LYS A 59 14.44 3.58 -5.92
C LYS A 59 14.40 5.10 -5.73
N ARG A 60 13.19 5.64 -5.51
CA ARG A 60 13.03 7.09 -5.33
C ARG A 60 14.02 7.64 -4.31
N LEU A 61 13.51 8.01 -3.13
CA LEU A 61 14.34 8.56 -2.05
C LEU A 61 15.47 9.41 -2.62
N SER A 62 15.21 10.08 -3.73
CA SER A 62 16.21 10.93 -4.36
C SER A 62 17.54 10.19 -4.49
N GLY A 1 -12.89 5.75 18.45
CA GLY A 1 -11.97 6.35 19.45
C GLY A 1 -10.62 5.67 19.39
N ALA A 2 -10.34 4.81 20.36
CA ALA A 2 -9.07 4.10 20.40
C ALA A 2 -8.95 3.17 19.19
N MET A 3 -10.06 2.57 18.80
CA MET A 3 -10.08 1.66 17.67
C MET A 3 -10.15 2.46 16.36
N ALA A 4 -9.86 3.76 16.46
CA ALA A 4 -9.89 4.63 15.28
C ALA A 4 -9.16 3.95 14.12
N ILE A 5 -7.85 4.19 14.03
CA ILE A 5 -7.03 3.62 12.97
C ILE A 5 -5.81 2.92 13.57
N ALA A 6 -5.43 1.79 12.98
CA ALA A 6 -4.28 1.03 13.46
C ALA A 6 -3.02 1.41 12.70
N LEU A 7 -3.17 2.32 11.74
CA LEU A 7 -2.03 2.77 10.94
C LEU A 7 -1.25 3.86 11.68
N ARG A 8 0.07 3.68 11.75
CA ARG A 8 0.91 4.66 12.41
C ARG A 8 1.15 5.85 11.48
N ASP A 9 1.83 6.87 11.98
CA ASP A 9 2.10 8.04 11.16
C ASP A 9 2.83 7.59 9.90
N ASP A 10 3.77 6.67 10.08
CA ASP A 10 4.52 6.15 8.95
C ASP A 10 3.61 5.38 8.00
N GLU A 11 2.75 4.53 8.56
CA GLU A 11 1.83 3.74 7.74
C GLU A 11 0.84 4.64 7.02
N TYR A 12 0.39 5.68 7.71
CA TYR A 12 -0.56 6.62 7.14
C TYR A 12 0.01 7.25 5.88
N ASP A 13 1.28 7.62 5.94
CA ASP A 13 1.94 8.24 4.80
C ASP A 13 1.98 7.28 3.62
N GLU A 14 2.26 6.00 3.90
CA GLU A 14 2.34 5.00 2.85
C GLU A 14 0.97 4.79 2.19
N TRP A 15 -0.08 4.74 2.99
CA TRP A 15 -1.42 4.55 2.43
C TRP A 15 -1.77 5.73 1.53
N GLN A 16 -1.63 6.94 2.05
CA GLN A 16 -1.94 8.12 1.24
C GLN A 16 -1.11 8.11 -0.05
N ASP A 17 0.15 7.70 0.08
CA ASP A 17 1.04 7.64 -1.07
C ASP A 17 0.52 6.60 -2.09
N ILE A 18 -0.07 5.52 -1.60
CA ILE A 18 -0.56 4.48 -2.49
C ILE A 18 -1.70 5.08 -3.33
N ILE A 19 -2.55 5.87 -2.67
CA ILE A 19 -3.67 6.51 -3.36
C ILE A 19 -3.13 7.40 -4.46
N ARG A 20 -2.09 8.15 -4.14
CA ARG A 20 -1.46 9.03 -5.11
C ARG A 20 -1.01 8.22 -6.31
N ASP A 21 -0.44 7.05 -6.04
CA ASP A 21 0.05 6.17 -7.10
C ASP A 21 -1.08 5.69 -8.02
N TRP A 22 -2.20 5.25 -7.45
CA TRP A 22 -3.32 4.76 -8.28
C TRP A 22 -4.14 5.93 -8.83
N ARG A 23 -3.82 7.13 -8.39
CA ARG A 23 -4.54 8.33 -8.83
C ARG A 23 -6.06 8.17 -8.66
N LYS A 24 -6.48 7.25 -7.78
CA LYS A 24 -7.91 7.03 -7.52
C LYS A 24 -8.14 6.77 -6.02
N GLU A 25 -9.31 7.18 -5.54
CA GLU A 25 -9.65 7.00 -4.13
C GLU A 25 -9.90 5.54 -3.78
N MET A 26 -9.42 5.13 -2.61
CA MET A 26 -9.60 3.76 -2.13
C MET A 26 -9.72 3.77 -0.61
N THR A 27 -9.70 2.58 0.01
CA THR A 27 -9.80 2.48 1.47
C THR A 27 -8.58 1.81 2.06
N VAL A 28 -8.34 2.06 3.34
CA VAL A 28 -7.23 1.44 4.05
C VAL A 28 -7.38 -0.07 4.04
N GLN A 29 -8.61 -0.52 4.27
CA GLN A 29 -8.90 -1.94 4.31
C GLN A 29 -8.35 -2.65 3.08
N GLN A 30 -8.65 -2.10 1.91
CA GLN A 30 -8.17 -2.69 0.66
C GLN A 30 -6.64 -2.77 0.65
N PHE A 31 -5.99 -1.72 1.14
CA PHE A 31 -4.53 -1.72 1.20
C PHE A 31 -4.02 -2.85 2.08
N LEU A 32 -4.65 -3.02 3.24
CA LEU A 32 -4.24 -4.07 4.16
C LEU A 32 -4.43 -5.44 3.49
N ASP A 33 -5.53 -5.60 2.75
CA ASP A 33 -5.77 -6.86 2.07
C ASP A 33 -4.71 -7.08 0.99
N LEU A 34 -4.38 -6.00 0.29
CA LEU A 34 -3.39 -6.06 -0.79
C LEU A 34 -1.98 -6.41 -0.26
N LYS A 35 -1.55 -5.73 0.79
CA LYS A 35 -0.23 -6.00 1.34
C LYS A 35 -0.21 -7.36 2.01
N GLU A 36 -1.28 -7.69 2.72
CA GLU A 36 -1.36 -8.97 3.39
C GLU A 36 -1.15 -10.11 2.38
N ARG A 37 -1.91 -10.07 1.29
CA ARG A 37 -1.81 -11.11 0.27
C ARG A 37 -0.43 -11.12 -0.38
N ALA A 38 0.06 -9.94 -0.79
CA ALA A 38 1.36 -9.88 -1.45
C ALA A 38 2.47 -10.34 -0.52
N LEU A 39 2.51 -9.78 0.67
CA LEU A 39 3.54 -10.15 1.62
C LEU A 39 3.40 -11.61 2.01
N SER A 40 2.19 -12.16 1.88
CA SER A 40 1.95 -13.54 2.22
C SER A 40 2.43 -14.48 1.11
N GLY A 41 2.91 -13.89 0.01
CA GLY A 41 3.43 -14.67 -1.11
C GLY A 41 2.40 -14.85 -2.22
N ALA A 42 1.47 -13.90 -2.35
CA ALA A 42 0.45 -14.00 -3.38
C ALA A 42 1.05 -13.73 -4.75
N SER A 43 0.42 -14.28 -5.78
CA SER A 43 0.88 -14.10 -7.16
C SER A 43 -0.12 -13.25 -7.93
N ASP A 44 -1.23 -12.94 -7.29
CA ASP A 44 -2.27 -12.13 -7.93
C ASP A 44 -1.62 -10.93 -8.65
N PRO A 45 -2.21 -10.45 -9.71
CA PRO A 45 -1.63 -9.29 -10.47
C PRO A 45 -1.47 -8.06 -9.57
N ASP A 46 -2.38 -7.92 -8.62
CA ASP A 46 -2.31 -6.79 -7.70
C ASP A 46 -1.08 -6.90 -6.79
N SER A 47 -0.72 -8.15 -6.44
CA SER A 47 0.44 -8.38 -5.56
C SER A 47 1.75 -8.07 -6.27
N GLN A 48 1.97 -8.65 -7.45
CA GLN A 48 3.20 -8.41 -8.17
C GLN A 48 3.30 -6.93 -8.53
N ARG A 49 2.17 -6.34 -8.91
CA ARG A 49 2.14 -4.92 -9.23
C ARG A 49 2.47 -4.10 -7.99
N TYR A 50 1.97 -4.55 -6.85
CA TYR A 50 2.23 -3.87 -5.59
C TYR A 50 3.72 -3.89 -5.28
N ASN A 51 4.34 -5.05 -5.47
CA ASN A 51 5.77 -5.18 -5.23
C ASN A 51 6.52 -4.22 -6.14
N ALA A 52 6.06 -4.13 -7.39
CA ALA A 52 6.69 -3.21 -8.33
C ALA A 52 6.48 -1.79 -7.86
N TRP A 53 5.28 -1.48 -7.38
CA TRP A 53 5.02 -0.12 -6.93
C TRP A 53 6.07 0.27 -5.91
N LEU A 54 6.42 -0.66 -5.03
CA LEU A 54 7.47 -0.40 -4.05
C LEU A 54 8.77 -0.15 -4.78
N GLU A 55 9.01 -0.94 -5.83
CA GLU A 55 10.24 -0.78 -6.63
C GLU A 55 10.25 0.60 -7.28
N LEU A 56 9.09 1.03 -7.81
CA LEU A 56 8.99 2.33 -8.44
C LEU A 56 9.28 3.40 -7.40
N ARG A 57 8.75 3.20 -6.21
CA ARG A 57 8.97 4.15 -5.13
C ARG A 57 10.45 4.25 -4.81
N ALA A 58 11.09 3.11 -4.72
CA ALA A 58 12.50 3.08 -4.42
C ALA A 58 13.25 3.87 -5.50
N LYS A 59 12.72 3.80 -6.70
CA LYS A 59 13.33 4.51 -7.84
C LYS A 59 13.08 6.01 -7.74
N ARG A 60 11.94 6.39 -7.20
CA ARG A 60 11.60 7.81 -7.05
C ARG A 60 12.66 8.53 -6.23
N LEU A 61 13.28 7.80 -5.30
CA LEU A 61 14.31 8.38 -4.44
C LEU A 61 15.48 8.88 -5.28
N SER A 62 15.87 8.09 -6.26
CA SER A 62 16.98 8.45 -7.14
C SER A 62 18.23 8.75 -6.32
N GLY A 1 -9.93 15.70 17.69
CA GLY A 1 -8.54 16.24 17.69
C GLY A 1 -7.55 15.08 17.69
N ALA A 2 -8.08 13.86 17.72
CA ALA A 2 -7.25 12.66 17.71
C ALA A 2 -7.91 11.56 16.88
N MET A 3 -7.58 11.52 15.59
CA MET A 3 -8.15 10.52 14.69
C MET A 3 -7.74 9.12 15.12
N ALA A 4 -6.49 8.95 15.52
CA ALA A 4 -6.01 7.64 15.95
C ALA A 4 -6.33 6.58 14.90
N ILE A 5 -5.35 6.29 14.03
CA ILE A 5 -5.53 5.30 12.97
C ILE A 5 -4.65 4.08 13.24
N ALA A 6 -5.23 2.90 13.15
CA ALA A 6 -4.50 1.67 13.38
C ALA A 6 -3.17 1.70 12.63
N LEU A 7 -3.06 2.62 11.67
CA LEU A 7 -1.84 2.76 10.88
C LEU A 7 -0.89 3.76 11.53
N ARG A 8 0.38 3.40 11.59
CA ARG A 8 1.39 4.27 12.18
C ARG A 8 1.56 5.52 11.32
N ASP A 9 2.33 6.48 11.82
CA ASP A 9 2.53 7.72 11.10
C ASP A 9 3.16 7.45 9.73
N ASP A 10 4.16 6.58 9.70
CA ASP A 10 4.82 6.23 8.44
C ASP A 10 3.85 5.46 7.54
N GLU A 11 3.08 4.57 8.15
CA GLU A 11 2.12 3.76 7.40
C GLU A 11 1.02 4.63 6.80
N TYR A 12 0.57 5.62 7.56
CA TYR A 12 -0.48 6.50 7.07
C TYR A 12 -0.01 7.22 5.81
N ASP A 13 1.24 7.69 5.85
CA ASP A 13 1.82 8.38 4.72
C ASP A 13 1.92 7.45 3.52
N GLU A 14 2.28 6.19 3.79
CA GLU A 14 2.41 5.20 2.73
C GLU A 14 1.04 4.93 2.12
N TRP A 15 0.01 4.87 2.96
CA TRP A 15 -1.34 4.63 2.48
C TRP A 15 -1.75 5.77 1.54
N GLN A 16 -1.54 7.01 1.96
CA GLN A 16 -1.88 8.14 1.10
C GLN A 16 -1.14 8.03 -0.22
N ASP A 17 0.11 7.60 -0.14
CA ASP A 17 0.92 7.45 -1.34
C ASP A 17 0.34 6.38 -2.27
N ILE A 18 -0.22 5.32 -1.69
CA ILE A 18 -0.79 4.26 -2.52
C ILE A 18 -2.00 4.79 -3.28
N ILE A 19 -2.81 5.60 -2.59
CA ILE A 19 -3.98 6.18 -3.23
C ILE A 19 -3.53 7.03 -4.41
N ARG A 20 -2.48 7.81 -4.19
CA ARG A 20 -1.94 8.65 -5.25
C ARG A 20 -1.57 7.78 -6.45
N ASP A 21 -0.94 6.64 -6.17
CA ASP A 21 -0.52 5.73 -7.22
C ASP A 21 -1.71 5.19 -8.03
N TRP A 22 -2.78 4.81 -7.35
CA TRP A 22 -3.96 4.28 -8.05
C TRP A 22 -4.78 5.40 -8.67
N ARG A 23 -4.36 6.64 -8.44
CA ARG A 23 -5.05 7.79 -9.01
C ARG A 23 -6.56 7.73 -8.74
N LYS A 24 -6.95 6.95 -7.74
CA LYS A 24 -8.37 6.82 -7.38
C LYS A 24 -8.51 6.66 -5.88
N GLU A 25 -9.65 7.06 -5.33
CA GLU A 25 -9.86 6.97 -3.89
C GLU A 25 -10.16 5.54 -3.45
N MET A 26 -9.45 5.10 -2.41
CA MET A 26 -9.64 3.75 -1.86
C MET A 26 -9.40 3.80 -0.36
N THR A 27 -10.00 2.87 0.37
CA THR A 27 -9.89 2.85 1.82
C THR A 27 -8.61 2.18 2.31
N VAL A 28 -8.33 2.37 3.60
CA VAL A 28 -7.16 1.78 4.25
C VAL A 28 -7.26 0.25 4.23
N GLN A 29 -8.45 -0.25 4.52
CA GLN A 29 -8.67 -1.69 4.55
C GLN A 29 -8.24 -2.32 3.25
N GLN A 30 -8.65 -1.72 2.14
CA GLN A 30 -8.30 -2.22 0.82
C GLN A 30 -6.79 -2.41 0.73
N PHE A 31 -6.04 -1.41 1.21
CA PHE A 31 -4.59 -1.48 1.18
C PHE A 31 -4.10 -2.66 2.03
N LEU A 32 -4.70 -2.85 3.20
CA LEU A 32 -4.31 -3.97 4.07
C LEU A 32 -4.57 -5.30 3.36
N ASP A 33 -5.67 -5.38 2.63
CA ASP A 33 -5.97 -6.61 1.93
C ASP A 33 -4.89 -6.88 0.88
N LEU A 34 -4.50 -5.81 0.18
CA LEU A 34 -3.48 -5.89 -0.87
C LEU A 34 -2.12 -6.33 -0.32
N LYS A 35 -1.67 -5.68 0.76
CA LYS A 35 -0.38 -6.04 1.33
C LYS A 35 -0.44 -7.42 1.95
N GLU A 36 -1.51 -7.70 2.67
CA GLU A 36 -1.65 -9.01 3.29
C GLU A 36 -1.47 -10.12 2.25
N ARG A 37 -2.18 -10.01 1.13
CA ARG A 37 -2.08 -11.02 0.10
C ARG A 37 -0.68 -11.07 -0.50
N ALA A 38 -0.14 -9.92 -0.87
CA ALA A 38 1.20 -9.87 -1.47
C ALA A 38 2.26 -10.38 -0.52
N LEU A 39 2.24 -9.87 0.69
CA LEU A 39 3.21 -10.29 1.69
C LEU A 39 3.03 -11.78 1.99
N SER A 40 1.82 -12.27 1.78
CA SER A 40 1.52 -13.67 2.02
C SER A 40 2.04 -14.52 0.85
N GLY A 41 2.66 -13.85 -0.13
CA GLY A 41 3.22 -14.54 -1.29
C GLY A 41 2.19 -14.72 -2.40
N ALA A 42 1.23 -13.81 -2.48
CA ALA A 42 0.20 -13.88 -3.51
C ALA A 42 0.78 -13.62 -4.88
N SER A 43 0.23 -14.30 -5.89
CA SER A 43 0.67 -14.14 -7.26
C SER A 43 -0.25 -13.18 -8.00
N ASP A 44 -1.31 -12.75 -7.33
CA ASP A 44 -2.27 -11.83 -7.93
C ASP A 44 -1.54 -10.73 -8.69
N PRO A 45 -2.12 -10.18 -9.73
CA PRO A 45 -1.46 -9.10 -10.53
C PRO A 45 -1.18 -7.87 -9.68
N ASP A 46 -2.02 -7.65 -8.68
CA ASP A 46 -1.85 -6.51 -7.79
C ASP A 46 -0.68 -6.76 -6.84
N SER A 47 -0.41 -8.02 -6.52
CA SER A 47 0.69 -8.35 -5.61
C SER A 47 2.03 -8.11 -6.28
N GLN A 48 2.20 -8.63 -7.50
CA GLN A 48 3.45 -8.45 -8.22
C GLN A 48 3.62 -6.97 -8.54
N ARG A 49 2.54 -6.32 -8.96
CA ARG A 49 2.59 -4.90 -9.27
C ARG A 49 2.92 -4.12 -8.00
N TYR A 50 2.40 -4.56 -6.87
CA TYR A 50 2.68 -3.92 -5.59
C TYR A 50 4.17 -3.97 -5.29
N ASN A 51 4.76 -5.15 -5.52
CA ASN A 51 6.19 -5.30 -5.28
C ASN A 51 6.95 -4.32 -6.16
N ALA A 52 6.52 -4.21 -7.41
CA ALA A 52 7.14 -3.27 -8.32
C ALA A 52 6.90 -1.85 -7.83
N TRP A 53 5.71 -1.59 -7.32
CA TRP A 53 5.41 -0.26 -6.84
C TRP A 53 6.46 0.13 -5.81
N LEU A 54 6.82 -0.81 -4.94
CA LEU A 54 7.85 -0.54 -3.95
C LEU A 54 9.15 -0.25 -4.68
N GLU A 55 9.42 -1.00 -5.73
CA GLU A 55 10.62 -0.76 -6.52
C GLU A 55 10.58 0.66 -7.09
N LEU A 56 9.41 1.06 -7.60
CA LEU A 56 9.26 2.40 -8.15
C LEU A 56 9.54 3.41 -7.05
N ARG A 57 9.00 3.15 -5.87
CA ARG A 57 9.22 4.04 -4.74
C ARG A 57 10.70 4.18 -4.44
N ALA A 58 11.41 3.08 -4.49
CA ALA A 58 12.83 3.10 -4.23
C ALA A 58 13.49 4.03 -5.23
N LYS A 59 12.93 4.08 -6.43
CA LYS A 59 13.46 4.94 -7.48
C LYS A 59 13.11 6.41 -7.23
N ARG A 60 11.91 6.66 -6.72
CA ARG A 60 11.46 8.04 -6.46
C ARG A 60 12.02 8.53 -5.12
N LEU A 61 13.30 8.90 -5.11
CA LEU A 61 13.94 9.40 -3.91
C LEU A 61 13.28 10.71 -3.48
N SER A 62 12.98 11.56 -4.45
CA SER A 62 12.35 12.84 -4.14
C SER A 62 11.18 12.65 -3.19
N GLY A 1 -5.34 2.29 20.22
CA GLY A 1 -5.94 1.67 19.00
C GLY A 1 -7.27 2.35 18.69
N ALA A 2 -7.19 3.56 18.14
CA ALA A 2 -8.40 4.30 17.78
C ALA A 2 -9.13 3.60 16.64
N MET A 3 -10.46 3.61 16.70
CA MET A 3 -11.27 2.97 15.67
C MET A 3 -11.05 3.62 14.31
N ALA A 4 -10.93 4.93 14.29
CA ALA A 4 -10.74 5.66 13.04
C ALA A 4 -9.60 5.06 12.21
N ILE A 5 -8.39 5.07 12.76
CA ILE A 5 -7.23 4.53 12.05
C ILE A 5 -6.26 3.85 13.02
N ALA A 6 -5.50 2.89 12.50
CA ALA A 6 -4.53 2.14 13.30
C ALA A 6 -3.13 2.26 12.68
N LEU A 7 -3.05 2.95 11.55
CA LEU A 7 -1.78 3.15 10.87
C LEU A 7 -0.93 4.21 11.57
N ARG A 8 0.38 4.08 11.42
CA ARG A 8 1.31 5.03 12.01
C ARG A 8 1.51 6.19 11.05
N ASP A 9 2.26 7.19 11.48
CA ASP A 9 2.49 8.36 10.64
C ASP A 9 3.10 7.92 9.30
N ASP A 10 4.10 7.04 9.37
CA ASP A 10 4.77 6.55 8.17
C ASP A 10 3.81 5.75 7.30
N GLU A 11 3.05 4.87 7.92
CA GLU A 11 2.10 4.02 7.21
C GLU A 11 0.98 4.85 6.59
N TYR A 12 0.53 5.86 7.31
CA TYR A 12 -0.55 6.72 6.82
C TYR A 12 -0.10 7.39 5.52
N ASP A 13 1.14 7.84 5.51
CA ASP A 13 1.70 8.47 4.33
C ASP A 13 1.77 7.46 3.20
N GLU A 14 2.04 6.21 3.56
CA GLU A 14 2.13 5.13 2.59
C GLU A 14 0.75 4.87 1.96
N TRP A 15 -0.29 4.88 2.78
CA TRP A 15 -1.64 4.65 2.28
C TRP A 15 -2.05 5.77 1.32
N GLN A 16 -1.86 7.01 1.70
CA GLN A 16 -2.22 8.11 0.81
C GLN A 16 -1.38 8.07 -0.45
N ASP A 17 -0.11 7.73 -0.30
CA ASP A 17 0.81 7.67 -1.43
C ASP A 17 0.37 6.60 -2.43
N ILE A 18 -0.09 5.45 -1.93
CA ILE A 18 -0.51 4.40 -2.82
C ILE A 18 -1.77 4.84 -3.57
N ILE A 19 -2.64 5.54 -2.86
CA ILE A 19 -3.87 6.03 -3.45
C ILE A 19 -3.54 6.93 -4.63
N ARG A 20 -2.57 7.82 -4.44
CA ARG A 20 -2.16 8.71 -5.50
C ARG A 20 -1.66 7.90 -6.69
N ASP A 21 -0.90 6.85 -6.39
CA ASP A 21 -0.34 5.99 -7.44
C ASP A 21 -1.42 5.30 -8.28
N TRP A 22 -2.44 4.73 -7.63
CA TRP A 22 -3.50 4.05 -8.39
C TRP A 22 -4.47 5.04 -9.02
N ARG A 23 -4.25 6.33 -8.76
CA ARG A 23 -5.12 7.37 -9.29
C ARG A 23 -6.59 7.09 -8.97
N LYS A 24 -6.84 6.23 -8.00
CA LYS A 24 -8.21 5.91 -7.59
C LYS A 24 -8.26 5.76 -6.06
N GLU A 25 -9.41 6.06 -5.48
CA GLU A 25 -9.54 5.99 -4.02
C GLU A 25 -9.79 4.56 -3.53
N MET A 26 -9.04 4.17 -2.50
CA MET A 26 -9.17 2.86 -1.87
C MET A 26 -9.07 3.05 -0.37
N THR A 27 -9.82 2.25 0.39
CA THR A 27 -9.81 2.38 1.84
C THR A 27 -8.57 1.75 2.46
N VAL A 28 -8.37 2.09 3.73
CA VAL A 28 -7.25 1.55 4.49
C VAL A 28 -7.38 0.03 4.62
N GLN A 29 -8.60 -0.42 4.88
CA GLN A 29 -8.83 -1.85 5.02
C GLN A 29 -8.34 -2.59 3.79
N GLN A 30 -8.60 -2.01 2.61
CA GLN A 30 -8.16 -2.62 1.36
C GLN A 30 -6.63 -2.72 1.35
N PHE A 31 -5.97 -1.70 1.89
CA PHE A 31 -4.51 -1.70 1.93
C PHE A 31 -4.02 -2.88 2.76
N LEU A 32 -4.68 -3.12 3.89
CA LEU A 32 -4.30 -4.23 4.77
C LEU A 32 -4.49 -5.56 4.02
N ASP A 33 -5.59 -5.69 3.31
CA ASP A 33 -5.85 -6.91 2.56
C ASP A 33 -4.85 -7.06 1.41
N LEU A 34 -4.54 -5.94 0.77
CA LEU A 34 -3.63 -5.93 -0.36
C LEU A 34 -2.21 -6.33 0.05
N LYS A 35 -1.74 -5.78 1.16
CA LYS A 35 -0.40 -6.09 1.62
C LYS A 35 -0.38 -7.53 2.11
N GLU A 36 -1.38 -7.92 2.87
CA GLU A 36 -1.45 -9.28 3.37
C GLU A 36 -1.25 -10.27 2.23
N ARG A 37 -2.03 -10.10 1.16
CA ARG A 37 -1.93 -10.98 0.01
C ARG A 37 -0.56 -10.85 -0.66
N ALA A 38 -0.10 -9.63 -0.87
CA ALA A 38 1.19 -9.41 -1.53
C ALA A 38 2.33 -10.02 -0.71
N LEU A 39 2.38 -9.66 0.56
CA LEU A 39 3.41 -10.13 1.44
C LEU A 39 3.29 -11.65 1.60
N SER A 40 2.09 -12.17 1.39
CA SER A 40 1.86 -13.61 1.52
C SER A 40 2.37 -14.36 0.28
N GLY A 41 2.89 -13.60 -0.69
CA GLY A 41 3.41 -14.19 -1.92
C GLY A 41 2.36 -14.26 -3.03
N ALA A 42 1.37 -13.37 -2.96
CA ALA A 42 0.32 -13.35 -3.98
C ALA A 42 0.86 -12.97 -5.34
N SER A 43 0.28 -13.54 -6.39
CA SER A 43 0.70 -13.23 -7.75
C SER A 43 -0.38 -12.41 -8.45
N ASP A 44 -1.45 -12.09 -7.72
CA ASP A 44 -2.52 -11.28 -8.30
C ASP A 44 -1.89 -10.07 -8.97
N PRO A 45 -2.50 -9.53 -9.99
CA PRO A 45 -1.91 -8.35 -10.71
C PRO A 45 -1.66 -7.19 -9.75
N ASP A 46 -2.61 -6.95 -8.85
CA ASP A 46 -2.44 -5.90 -7.87
C ASP A 46 -1.25 -6.20 -6.95
N SER A 47 -1.08 -7.48 -6.61
CA SER A 47 0.01 -7.89 -5.73
C SER A 47 1.39 -7.65 -6.34
N GLN A 48 1.60 -8.13 -7.57
CA GLN A 48 2.90 -7.94 -8.21
C GLN A 48 3.14 -6.47 -8.47
N ARG A 49 2.08 -5.74 -8.80
CA ARG A 49 2.20 -4.31 -9.05
C ARG A 49 2.60 -3.60 -7.75
N TYR A 50 2.03 -4.06 -6.63
CA TYR A 50 2.37 -3.48 -5.34
C TYR A 50 3.85 -3.68 -5.04
N ASN A 51 4.34 -4.90 -5.25
CA ASN A 51 5.74 -5.17 -5.00
C ASN A 51 6.59 -4.27 -5.87
N ALA A 52 6.19 -4.11 -7.12
CA ALA A 52 6.93 -3.23 -8.03
C ALA A 52 6.88 -1.82 -7.49
N TRP A 53 5.70 -1.39 -7.06
CA TRP A 53 5.57 -0.03 -6.54
C TRP A 53 6.61 0.20 -5.45
N LEU A 54 6.83 -0.80 -4.61
CA LEU A 54 7.83 -0.68 -3.57
C LEU A 54 9.19 -0.51 -4.24
N GLU A 55 9.41 -1.27 -5.31
CA GLU A 55 10.66 -1.20 -6.05
C GLU A 55 10.82 0.17 -6.71
N LEU A 56 9.77 0.65 -7.35
CA LEU A 56 9.81 1.95 -8.00
C LEU A 56 10.11 3.01 -6.95
N ARG A 57 9.46 2.87 -5.81
CA ARG A 57 9.66 3.80 -4.71
C ARG A 57 11.10 3.81 -4.27
N ALA A 58 11.68 2.62 -4.17
CA ALA A 58 13.05 2.49 -3.76
C ALA A 58 13.94 3.23 -4.74
N LYS A 59 13.53 3.22 -6.00
CA LYS A 59 14.28 3.88 -7.05
C LYS A 59 14.13 5.41 -6.97
N ARG A 60 12.94 5.85 -6.57
CA ARG A 60 12.66 7.28 -6.46
C ARG A 60 13.59 7.93 -5.45
N LEU A 61 13.93 7.19 -4.40
CA LEU A 61 14.82 7.70 -3.36
C LEU A 61 16.19 8.02 -3.95
N SER A 62 16.68 7.14 -4.81
CA SER A 62 17.99 7.33 -5.44
C SER A 62 17.88 8.30 -6.62
N GLY A 1 -11.92 -4.59 17.75
CA GLY A 1 -10.47 -4.41 17.48
C GLY A 1 -9.85 -3.52 18.55
N ALA A 2 -9.53 -2.29 18.17
CA ALA A 2 -8.93 -1.35 19.11
C ALA A 2 -8.97 0.08 18.59
N MET A 3 -8.61 1.02 19.45
CA MET A 3 -8.61 2.43 19.08
C MET A 3 -7.62 2.68 17.95
N ALA A 4 -6.49 1.99 18.00
CA ALA A 4 -5.46 2.13 16.98
C ALA A 4 -6.06 1.93 15.58
N ILE A 5 -5.52 2.66 14.62
CA ILE A 5 -6.01 2.58 13.23
C ILE A 5 -5.22 1.53 12.45
N ALA A 6 -4.52 0.66 13.17
CA ALA A 6 -3.74 -0.40 12.55
C ALA A 6 -2.54 0.14 11.80
N LEU A 7 -2.76 1.19 11.03
CA LEU A 7 -1.70 1.80 10.25
C LEU A 7 -0.93 2.82 11.10
N ARG A 8 0.39 2.75 11.02
CA ARG A 8 1.25 3.66 11.76
C ARG A 8 1.50 4.92 10.93
N ASP A 9 2.19 5.89 11.51
CA ASP A 9 2.47 7.13 10.79
C ASP A 9 3.13 6.82 9.45
N ASP A 10 4.08 5.91 9.47
CA ASP A 10 4.79 5.52 8.25
C ASP A 10 3.85 4.85 7.26
N GLU A 11 2.98 3.97 7.76
CA GLU A 11 2.03 3.26 6.91
C GLU A 11 1.01 4.22 6.33
N TYR A 12 0.57 5.17 7.15
CA TYR A 12 -0.43 6.15 6.71
C TYR A 12 0.06 6.88 5.47
N ASP A 13 1.35 7.23 5.46
CA ASP A 13 1.93 7.94 4.34
C ASP A 13 1.88 7.08 3.08
N GLU A 14 2.16 5.78 3.24
CA GLU A 14 2.11 4.87 2.12
C GLU A 14 0.69 4.72 1.58
N TRP A 15 -0.29 4.74 2.49
CA TRP A 15 -1.69 4.62 2.08
C TRP A 15 -2.08 5.84 1.24
N GLN A 16 -1.70 7.03 1.69
CA GLN A 16 -2.03 8.23 0.93
C GLN A 16 -1.31 8.23 -0.42
N ASP A 17 -0.07 7.76 -0.42
CA ASP A 17 0.72 7.71 -1.64
C ASP A 17 0.11 6.73 -2.63
N ILE A 18 -0.42 5.62 -2.13
CA ILE A 18 -1.01 4.62 -3.02
C ILE A 18 -2.28 5.20 -3.62
N ILE A 19 -3.01 5.98 -2.83
CA ILE A 19 -4.23 6.61 -3.32
C ILE A 19 -3.87 7.50 -4.50
N ARG A 20 -2.81 8.27 -4.35
CA ARG A 20 -2.38 9.14 -5.43
C ARG A 20 -2.03 8.28 -6.64
N ASP A 21 -1.37 7.15 -6.39
CA ASP A 21 -0.97 6.25 -7.47
C ASP A 21 -2.17 5.81 -8.30
N TRP A 22 -3.25 5.40 -7.64
CA TRP A 22 -4.45 4.96 -8.36
C TRP A 22 -5.29 6.17 -8.78
N ARG A 23 -4.87 7.34 -8.35
CA ARG A 23 -5.59 8.56 -8.67
C ARG A 23 -7.07 8.41 -8.34
N LYS A 24 -7.39 7.44 -7.48
CA LYS A 24 -8.77 7.19 -7.07
C LYS A 24 -8.82 6.92 -5.56
N GLU A 25 -9.94 7.24 -4.93
CA GLU A 25 -10.08 7.03 -3.49
C GLU A 25 -10.33 5.56 -3.16
N MET A 26 -9.78 5.11 -2.04
CA MET A 26 -9.93 3.74 -1.58
C MET A 26 -9.81 3.70 -0.06
N THR A 27 -10.28 2.62 0.56
CA THR A 27 -10.22 2.51 2.02
C THR A 27 -8.88 1.92 2.48
N VAL A 28 -8.58 2.13 3.75
CA VAL A 28 -7.36 1.62 4.35
C VAL A 28 -7.40 0.09 4.38
N GLN A 29 -8.55 -0.48 4.73
CA GLN A 29 -8.69 -1.93 4.81
C GLN A 29 -8.33 -2.58 3.47
N GLN A 30 -8.82 -2.02 2.38
CA GLN A 30 -8.54 -2.58 1.06
C GLN A 30 -7.01 -2.61 0.84
N PHE A 31 -6.36 -1.52 1.23
CA PHE A 31 -4.92 -1.42 1.11
C PHE A 31 -4.24 -2.50 1.96
N LEU A 32 -4.73 -2.66 3.19
CA LEU A 32 -4.18 -3.64 4.09
C LEU A 32 -4.34 -5.04 3.47
N ASP A 33 -5.47 -5.27 2.83
CA ASP A 33 -5.69 -6.56 2.20
C ASP A 33 -4.68 -6.79 1.08
N LEU A 34 -4.41 -5.73 0.30
CA LEU A 34 -3.46 -5.82 -0.80
C LEU A 34 -2.04 -6.14 -0.32
N LYS A 35 -1.57 -5.43 0.70
CA LYS A 35 -0.23 -5.66 1.21
C LYS A 35 -0.17 -7.02 1.91
N GLU A 36 -1.19 -7.35 2.69
CA GLU A 36 -1.19 -8.64 3.36
C GLU A 36 -0.99 -9.75 2.32
N ARG A 37 -1.73 -9.66 1.23
CA ARG A 37 -1.62 -10.64 0.16
C ARG A 37 -0.24 -10.61 -0.49
N ALA A 38 0.24 -9.41 -0.82
CA ALA A 38 1.54 -9.27 -1.48
C ALA A 38 2.68 -9.75 -0.56
N LEU A 39 2.66 -9.29 0.67
CA LEU A 39 3.68 -9.66 1.65
C LEU A 39 3.57 -11.15 1.95
N SER A 40 2.37 -11.71 1.78
CA SER A 40 2.15 -13.13 2.05
C SER A 40 2.66 -13.97 0.88
N GLY A 41 3.18 -13.31 -0.15
CA GLY A 41 3.72 -14.01 -1.32
C GLY A 41 2.65 -14.26 -2.38
N ALA A 42 1.66 -13.37 -2.43
CA ALA A 42 0.59 -13.50 -3.41
C ALA A 42 1.11 -13.36 -4.83
N SER A 43 0.44 -14.01 -5.77
CA SER A 43 0.86 -13.96 -7.18
C SER A 43 -0.11 -13.14 -8.03
N ASP A 44 -1.27 -12.75 -7.47
CA ASP A 44 -2.21 -11.97 -8.25
C ASP A 44 -1.48 -10.77 -8.86
N PRO A 45 -1.88 -10.30 -10.01
CA PRO A 45 -1.17 -9.16 -10.69
C PRO A 45 -1.10 -7.93 -9.80
N ASP A 46 -2.11 -7.72 -8.98
CA ASP A 46 -2.13 -6.58 -8.09
C ASP A 46 -1.01 -6.72 -7.05
N SER A 47 -0.75 -7.95 -6.63
CA SER A 47 0.28 -8.22 -5.63
C SER A 47 1.69 -8.01 -6.18
N GLN A 48 2.00 -8.66 -7.30
CA GLN A 48 3.34 -8.51 -7.88
C GLN A 48 3.55 -7.06 -8.29
N ARG A 49 2.50 -6.44 -8.81
CA ARG A 49 2.57 -5.04 -9.22
C ARG A 49 2.85 -4.18 -8.00
N TYR A 50 2.18 -4.49 -6.89
CA TYR A 50 2.39 -3.73 -5.66
C TYR A 50 3.85 -3.84 -5.22
N ASN A 51 4.37 -5.06 -5.23
CA ASN A 51 5.76 -5.28 -4.85
C ASN A 51 6.66 -4.43 -5.76
N ALA A 52 6.31 -4.39 -7.03
CA ALA A 52 7.07 -3.60 -7.99
C ALA A 52 6.98 -2.12 -7.63
N TRP A 53 5.78 -1.67 -7.30
CA TRP A 53 5.59 -0.28 -6.96
C TRP A 53 6.56 0.09 -5.84
N LEU A 54 6.71 -0.81 -4.87
CA LEU A 54 7.64 -0.58 -3.78
C LEU A 54 9.05 -0.51 -4.35
N GLU A 55 9.34 -1.40 -5.30
CA GLU A 55 10.64 -1.43 -5.92
C GLU A 55 10.92 -0.11 -6.65
N LEU A 56 9.92 0.37 -7.39
CA LEU A 56 10.07 1.63 -8.10
C LEU A 56 10.31 2.74 -7.10
N ARG A 57 9.56 2.71 -6.01
CA ARG A 57 9.71 3.72 -4.97
C ARG A 57 11.13 3.73 -4.42
N ALA A 58 11.62 2.57 -4.08
CA ALA A 58 12.96 2.47 -3.53
C ALA A 58 13.97 2.99 -4.53
N LYS A 59 13.65 2.83 -5.82
CA LYS A 59 14.53 3.30 -6.88
C LYS A 59 14.59 4.83 -6.90
N ARG A 60 13.43 5.47 -6.70
CA ARG A 60 13.35 6.93 -6.72
C ARG A 60 14.41 7.56 -5.81
N LEU A 61 15.05 6.76 -4.97
CA LEU A 61 16.05 7.29 -4.06
C LEU A 61 17.19 7.93 -4.84
N SER A 62 17.63 7.25 -5.90
CA SER A 62 18.70 7.77 -6.74
C SER A 62 18.27 9.07 -7.42
N GLY A 1 -6.89 -0.51 23.10
CA GLY A 1 -7.62 -1.80 23.18
C GLY A 1 -7.03 -2.80 22.20
N ALA A 2 -5.80 -2.52 21.77
CA ALA A 2 -5.12 -3.40 20.82
C ALA A 2 -6.06 -3.79 19.67
N MET A 3 -5.59 -4.68 18.81
CA MET A 3 -6.38 -5.14 17.66
C MET A 3 -6.60 -4.00 16.66
N ALA A 4 -6.73 -2.77 17.16
CA ALA A 4 -6.95 -1.61 16.29
C ALA A 4 -5.62 -0.92 16.00
N ILE A 5 -4.98 -1.31 14.92
CA ILE A 5 -3.70 -0.71 14.53
C ILE A 5 -3.92 0.71 14.04
N ALA A 6 -5.07 0.95 13.41
CA ALA A 6 -5.38 2.27 12.89
C ALA A 6 -4.19 2.85 12.12
N LEU A 7 -3.28 1.98 11.72
CA LEU A 7 -2.10 2.40 10.97
C LEU A 7 -1.31 3.45 11.75
N ARG A 8 0.00 3.50 11.50
CA ARG A 8 0.88 4.47 12.15
C ARG A 8 1.08 5.67 11.23
N ASP A 9 1.76 6.69 11.74
CA ASP A 9 2.00 7.89 10.93
C ASP A 9 2.76 7.53 9.66
N ASP A 10 3.80 6.72 9.79
CA ASP A 10 4.60 6.31 8.63
C ASP A 10 3.74 5.49 7.67
N GLU A 11 2.94 4.59 8.25
CA GLU A 11 2.07 3.73 7.46
C GLU A 11 0.96 4.55 6.81
N TYR A 12 0.47 5.54 7.53
CA TYR A 12 -0.58 6.41 7.02
C TYR A 12 -0.11 7.08 5.74
N ASP A 13 1.13 7.55 5.76
CA ASP A 13 1.71 8.21 4.60
C ASP A 13 1.80 7.23 3.43
N GLU A 14 2.09 5.98 3.74
CA GLU A 14 2.20 4.95 2.71
C GLU A 14 0.85 4.71 2.05
N TRP A 15 -0.21 4.69 2.87
CA TRP A 15 -1.55 4.47 2.34
C TRP A 15 -1.95 5.64 1.44
N GLN A 16 -1.71 6.86 1.90
CA GLN A 16 -2.05 8.02 1.07
C GLN A 16 -1.20 8.03 -0.19
N ASP A 17 0.04 7.60 -0.04
CA ASP A 17 0.96 7.55 -1.17
C ASP A 17 0.50 6.54 -2.22
N ILE A 18 -0.04 5.41 -1.78
CA ILE A 18 -0.50 4.39 -2.72
C ILE A 18 -1.73 4.93 -3.46
N ILE A 19 -2.57 5.65 -2.72
CA ILE A 19 -3.77 6.24 -3.32
C ILE A 19 -3.34 7.21 -4.40
N ARG A 20 -2.33 8.01 -4.10
CA ARG A 20 -1.82 8.97 -5.07
C ARG A 20 -1.31 8.22 -6.30
N ASP A 21 -0.65 7.09 -6.07
CA ASP A 21 -0.12 6.29 -7.16
C ASP A 21 -1.23 5.86 -8.11
N TRP A 22 -2.35 5.38 -7.56
CA TRP A 22 -3.47 4.96 -8.41
C TRP A 22 -4.26 6.18 -8.91
N ARG A 23 -3.85 7.35 -8.46
CA ARG A 23 -4.49 8.60 -8.86
C ARG A 23 -6.02 8.53 -8.70
N LYS A 24 -6.50 7.67 -7.81
CA LYS A 24 -7.95 7.56 -7.55
C LYS A 24 -8.21 7.50 -6.05
N GLU A 25 -9.10 6.63 -5.61
CA GLU A 25 -9.42 6.52 -4.18
C GLU A 25 -9.72 5.08 -3.77
N MET A 26 -9.29 4.74 -2.56
CA MET A 26 -9.51 3.40 -2.01
C MET A 26 -9.36 3.47 -0.49
N THR A 27 -9.93 2.51 0.21
CA THR A 27 -9.89 2.50 1.68
C THR A 27 -8.62 1.83 2.21
N VAL A 28 -8.39 2.04 3.50
CA VAL A 28 -7.24 1.46 4.19
C VAL A 28 -7.38 -0.06 4.22
N GLN A 29 -8.57 -0.53 4.52
CA GLN A 29 -8.82 -1.96 4.59
C GLN A 29 -8.36 -2.65 3.32
N GLN A 30 -8.62 -2.01 2.18
CA GLN A 30 -8.22 -2.56 0.89
C GLN A 30 -6.70 -2.72 0.86
N PHE A 31 -5.99 -1.72 1.38
CA PHE A 31 -4.53 -1.77 1.43
C PHE A 31 -4.06 -2.95 2.28
N LEU A 32 -4.70 -3.13 3.42
CA LEU A 32 -4.34 -4.21 4.33
C LEU A 32 -4.54 -5.55 3.61
N ASP A 33 -5.62 -5.67 2.85
CA ASP A 33 -5.86 -6.91 2.13
C ASP A 33 -4.78 -7.11 1.06
N LEU A 34 -4.43 -6.01 0.38
CA LEU A 34 -3.43 -6.06 -0.68
C LEU A 34 -2.04 -6.42 -0.14
N LYS A 35 -1.63 -5.77 0.95
CA LYS A 35 -0.32 -6.05 1.53
C LYS A 35 -0.29 -7.45 2.13
N GLU A 36 -1.37 -7.80 2.83
CA GLU A 36 -1.44 -9.11 3.46
C GLU A 36 -1.25 -10.21 2.42
N ARG A 37 -2.03 -10.14 1.34
CA ARG A 37 -1.94 -11.14 0.29
C ARG A 37 -0.57 -11.13 -0.38
N ALA A 38 -0.09 -9.95 -0.74
CA ALA A 38 1.21 -9.84 -1.41
C ALA A 38 2.33 -10.35 -0.53
N LEU A 39 2.39 -9.85 0.69
CA LEU A 39 3.45 -10.26 1.60
C LEU A 39 3.26 -11.73 1.97
N SER A 40 2.05 -12.24 1.81
CA SER A 40 1.75 -13.64 2.13
C SER A 40 2.23 -14.55 1.00
N GLY A 41 2.77 -13.94 -0.07
CA GLY A 41 3.28 -14.71 -1.20
C GLY A 41 2.23 -14.86 -2.30
N ALA A 42 1.29 -13.92 -2.37
CA ALA A 42 0.24 -13.98 -3.38
C ALA A 42 0.82 -13.73 -4.76
N SER A 43 0.23 -14.37 -5.77
CA SER A 43 0.68 -14.20 -7.15
C SER A 43 -0.29 -13.29 -7.89
N ASP A 44 -1.34 -12.85 -7.20
CA ASP A 44 -2.33 -11.96 -7.79
C ASP A 44 -1.62 -10.83 -8.54
N PRO A 45 -2.20 -10.29 -9.58
CA PRO A 45 -1.58 -9.18 -10.36
C PRO A 45 -1.34 -7.95 -9.48
N ASP A 46 -2.20 -7.79 -8.49
CA ASP A 46 -2.08 -6.67 -7.57
C ASP A 46 -0.86 -6.83 -6.67
N SER A 47 -0.52 -8.09 -6.34
CA SER A 47 0.61 -8.35 -5.46
C SER A 47 1.94 -8.05 -6.17
N GLN A 48 2.10 -8.59 -7.37
CA GLN A 48 3.33 -8.36 -8.13
C GLN A 48 3.44 -6.88 -8.49
N ARG A 49 2.33 -6.29 -8.92
CA ARG A 49 2.33 -4.88 -9.27
C ARG A 49 2.64 -4.05 -8.03
N TYR A 50 2.11 -4.48 -6.89
CA TYR A 50 2.38 -3.78 -5.63
C TYR A 50 3.87 -3.80 -5.34
N ASN A 51 4.49 -4.95 -5.55
CA ASN A 51 5.92 -5.06 -5.31
C ASN A 51 6.65 -4.07 -6.23
N ALA A 52 6.19 -3.99 -7.47
CA ALA A 52 6.78 -3.06 -8.41
C ALA A 52 6.57 -1.63 -7.93
N TRP A 53 5.37 -1.34 -7.44
CA TRP A 53 5.10 0.01 -6.96
C TRP A 53 6.15 0.40 -5.93
N LEU A 54 6.48 -0.55 -5.06
CA LEU A 54 7.51 -0.31 -4.06
C LEU A 54 8.84 -0.06 -4.76
N GLU A 55 9.07 -0.82 -5.83
CA GLU A 55 10.30 -0.68 -6.60
C GLU A 55 10.35 0.71 -7.26
N LEU A 56 9.23 1.16 -7.80
CA LEU A 56 9.19 2.47 -8.43
C LEU A 56 9.55 3.52 -7.41
N ARG A 57 9.00 3.35 -6.21
CA ARG A 57 9.27 4.26 -5.11
C ARG A 57 10.75 4.25 -4.77
N ALA A 58 11.32 3.07 -4.73
CA ALA A 58 12.72 2.93 -4.40
C ALA A 58 13.54 3.73 -5.39
N LYS A 59 13.06 3.79 -6.62
CA LYS A 59 13.75 4.56 -7.66
C LYS A 59 13.58 6.06 -7.41
N ARG A 60 12.37 6.44 -7.01
CA ARG A 60 12.08 7.85 -6.74
C ARG A 60 12.94 8.36 -5.60
N LEU A 61 13.10 7.53 -4.57
CA LEU A 61 13.91 7.90 -3.41
C LEU A 61 15.36 8.12 -3.83
N SER A 62 15.86 7.23 -4.68
CA SER A 62 17.25 7.34 -5.14
C SER A 62 17.43 6.55 -6.43
N GLY A 1 -7.18 4.90 23.36
CA GLY A 1 -7.91 5.17 22.09
C GLY A 1 -7.07 4.69 20.91
N ALA A 2 -6.53 3.47 21.03
CA ALA A 2 -5.72 2.89 19.96
C ALA A 2 -6.60 2.16 18.96
N MET A 3 -7.89 2.13 19.25
CA MET A 3 -8.85 1.47 18.38
C MET A 3 -8.83 2.13 17.01
N ALA A 4 -8.56 3.44 16.99
CA ALA A 4 -8.51 4.18 15.75
C ALA A 4 -7.38 3.67 14.86
N ILE A 5 -7.69 3.48 13.58
CA ILE A 5 -6.71 3.00 12.61
C ILE A 5 -5.73 1.99 13.22
N ALA A 6 -4.61 1.78 12.55
CA ALA A 6 -3.59 0.85 13.02
C ALA A 6 -2.32 1.03 12.20
N LEU A 7 -2.34 2.01 11.30
CA LEU A 7 -1.20 2.30 10.44
C LEU A 7 -0.33 3.39 11.06
N ARG A 8 0.97 3.17 11.08
CA ARG A 8 1.90 4.15 11.64
C ARG A 8 1.98 5.37 10.73
N ASP A 9 2.68 6.41 11.19
CA ASP A 9 2.82 7.63 10.39
C ASP A 9 3.45 7.32 9.03
N ASP A 10 4.47 6.47 9.03
CA ASP A 10 5.14 6.11 7.79
C ASP A 10 4.18 5.33 6.90
N GLU A 11 3.40 4.45 7.52
CA GLU A 11 2.44 3.64 6.80
C GLU A 11 1.31 4.48 6.25
N TYR A 12 0.89 5.48 7.03
CA TYR A 12 -0.19 6.36 6.61
C TYR A 12 0.18 7.06 5.31
N ASP A 13 1.42 7.52 5.23
CA ASP A 13 1.89 8.21 4.03
C ASP A 13 1.87 7.25 2.84
N GLU A 14 2.24 6.01 3.09
CA GLU A 14 2.26 4.99 2.03
C GLU A 14 0.85 4.71 1.53
N TRP A 15 -0.12 4.68 2.44
CA TRP A 15 -1.49 4.42 2.05
C TRP A 15 -1.98 5.57 1.17
N GLN A 16 -1.78 6.78 1.61
CA GLN A 16 -2.21 7.93 0.81
C GLN A 16 -1.48 7.94 -0.52
N ASP A 17 -0.22 7.55 -0.50
CA ASP A 17 0.59 7.53 -1.71
C ASP A 17 0.07 6.50 -2.72
N ILE A 18 -0.39 5.35 -2.23
CA ILE A 18 -0.89 4.33 -3.14
C ILE A 18 -2.21 4.80 -3.75
N ILE A 19 -3.02 5.46 -2.93
CA ILE A 19 -4.28 5.98 -3.41
C ILE A 19 -4.01 6.97 -4.54
N ARG A 20 -3.01 7.81 -4.32
CA ARG A 20 -2.62 8.79 -5.34
C ARG A 20 -2.20 8.04 -6.61
N ASP A 21 -1.47 6.94 -6.43
CA ASP A 21 -1.00 6.16 -7.57
C ASP A 21 -2.16 5.63 -8.41
N TRP A 22 -3.22 5.15 -7.74
CA TRP A 22 -4.37 4.63 -8.47
C TRP A 22 -5.19 5.78 -9.06
N ARG A 23 -4.74 7.00 -8.78
CA ARG A 23 -5.41 8.20 -9.28
C ARG A 23 -6.89 8.25 -8.87
N LYS A 24 -7.24 7.59 -7.76
CA LYS A 24 -8.63 7.61 -7.28
C LYS A 24 -8.66 7.57 -5.76
N GLU A 25 -9.75 7.02 -5.20
CA GLU A 25 -9.90 6.94 -3.74
C GLU A 25 -10.14 5.51 -3.29
N MET A 26 -9.46 5.10 -2.21
CA MET A 26 -9.60 3.75 -1.67
C MET A 26 -9.69 3.79 -0.15
N THR A 27 -9.67 2.62 0.47
CA THR A 27 -9.74 2.51 1.94
C THR A 27 -8.49 1.84 2.48
N VAL A 28 -8.21 2.05 3.77
CA VAL A 28 -7.05 1.44 4.40
C VAL A 28 -7.19 -0.07 4.40
N GLN A 29 -8.38 -0.54 4.72
CA GLN A 29 -8.65 -1.98 4.78
C GLN A 29 -8.24 -2.66 3.48
N GLN A 30 -8.67 -2.09 2.35
CA GLN A 30 -8.33 -2.65 1.06
C GLN A 30 -6.81 -2.73 0.90
N PHE A 31 -6.14 -1.65 1.28
CA PHE A 31 -4.69 -1.59 1.21
C PHE A 31 -4.06 -2.64 2.10
N LEU A 32 -4.58 -2.78 3.32
CA LEU A 32 -4.07 -3.74 4.27
C LEU A 32 -4.19 -5.15 3.68
N ASP A 33 -5.31 -5.44 3.06
CA ASP A 33 -5.51 -6.73 2.45
C ASP A 33 -4.55 -6.92 1.26
N LEU A 34 -4.28 -5.82 0.55
CA LEU A 34 -3.40 -5.88 -0.62
C LEU A 34 -1.97 -6.26 -0.23
N LYS A 35 -1.45 -5.62 0.81
CA LYS A 35 -0.10 -5.89 1.25
C LYS A 35 -0.06 -7.27 1.90
N GLU A 36 -1.05 -7.60 2.70
CA GLU A 36 -1.07 -8.90 3.34
C GLU A 36 -0.96 -10.00 2.29
N ARG A 37 -1.75 -9.87 1.23
CA ARG A 37 -1.72 -10.86 0.16
C ARG A 37 -0.36 -10.85 -0.56
N ALA A 38 0.13 -9.66 -0.87
CA ALA A 38 1.41 -9.53 -1.57
C ALA A 38 2.56 -10.09 -0.73
N LEU A 39 2.63 -9.64 0.50
CA LEU A 39 3.67 -10.08 1.41
C LEU A 39 3.49 -11.56 1.71
N SER A 40 2.27 -12.05 1.52
CA SER A 40 1.97 -13.47 1.76
C SER A 40 2.43 -14.31 0.58
N GLY A 41 2.98 -13.66 -0.46
CA GLY A 41 3.46 -14.38 -1.64
C GLY A 41 2.37 -14.52 -2.70
N ALA A 42 1.43 -13.58 -2.73
CA ALA A 42 0.34 -13.63 -3.70
C ALA A 42 0.86 -13.40 -5.10
N SER A 43 0.21 -14.03 -6.08
CA SER A 43 0.61 -13.88 -7.49
C SER A 43 -0.35 -12.94 -8.22
N ASP A 44 -1.42 -12.52 -7.54
CA ASP A 44 -2.39 -11.63 -8.14
C ASP A 44 -1.67 -10.48 -8.86
N PRO A 45 -2.20 -9.95 -9.94
CA PRO A 45 -1.54 -8.85 -10.69
C PRO A 45 -1.30 -7.63 -9.81
N ASP A 46 -2.23 -7.41 -8.87
CA ASP A 46 -2.12 -6.30 -7.95
C ASP A 46 -1.02 -6.56 -6.92
N SER A 47 -0.79 -7.83 -6.64
CA SER A 47 0.23 -8.21 -5.66
C SER A 47 1.63 -7.96 -6.20
N GLN A 48 1.91 -8.45 -7.40
CA GLN A 48 3.22 -8.25 -7.99
C GLN A 48 3.41 -6.76 -8.30
N ARG A 49 2.36 -6.12 -8.76
CA ARG A 49 2.43 -4.68 -9.06
C ARG A 49 2.72 -3.90 -7.78
N TYR A 50 2.07 -4.29 -6.69
CA TYR A 50 2.29 -3.61 -5.42
C TYR A 50 3.75 -3.77 -4.99
N ASN A 51 4.27 -4.99 -5.12
CA ASN A 51 5.66 -5.24 -4.75
C ASN A 51 6.56 -4.33 -5.58
N ALA A 52 6.23 -4.21 -6.87
CA ALA A 52 7.01 -3.34 -7.74
C ALA A 52 6.86 -1.91 -7.29
N TRP A 53 5.65 -1.50 -6.96
CA TRP A 53 5.43 -0.13 -6.52
C TRP A 53 6.38 0.18 -5.39
N LEU A 54 6.55 -0.78 -4.47
CA LEU A 54 7.48 -0.58 -3.38
C LEU A 54 8.90 -0.45 -3.95
N GLU A 55 9.19 -1.27 -4.97
CA GLU A 55 10.50 -1.24 -5.60
C GLU A 55 10.74 0.13 -6.25
N LEU A 56 9.76 0.62 -6.99
CA LEU A 56 9.87 1.91 -7.65
C LEU A 56 10.05 3.00 -6.60
N ARG A 57 9.30 2.87 -5.51
CA ARG A 57 9.35 3.83 -4.43
C ARG A 57 10.75 3.92 -3.85
N ALA A 58 11.34 2.78 -3.56
CA ALA A 58 12.67 2.76 -3.00
C ALA A 58 13.68 3.29 -4.00
N LYS A 59 13.37 3.10 -5.28
CA LYS A 59 14.27 3.55 -6.36
C LYS A 59 14.31 5.08 -6.46
N ARG A 60 13.14 5.73 -6.42
CA ARG A 60 13.10 7.18 -6.52
C ARG A 60 13.72 7.83 -5.28
N LEU A 61 13.50 7.21 -4.13
CA LEU A 61 14.06 7.74 -2.88
C LEU A 61 15.58 7.72 -2.94
N SER A 62 16.12 6.72 -3.63
CA SER A 62 17.57 6.58 -3.78
C SER A 62 17.91 5.87 -5.08
#